data_2I8C
#
_entry.id   2I8C
#
_cell.length_a   67.802
_cell.length_b   66.972
_cell.length_c   78.992
_cell.angle_alpha   90.00
_cell.angle_beta   96.05
_cell.angle_gamma   90.00
#
_symmetry.space_group_name_H-M   'P 1 21 1'
#
loop_
_entity.id
_entity.type
_entity.pdbx_description
1 polymer 'D-alanine-D-alanine ligase'
2 non-polymer 'SULFATE ION'
3 non-polymer "ADENOSINE-5'-DIPHOSPHATE"
4 non-polymer 'MAGNESIUM ION'
#
_entity_poly.entity_id   1
_entity_poly.type   'polypeptide(L)'
_entity_poly.pdbx_seq_one_letter_code
;MTKENICIVFGGKSAEHEVSILTAQNVLNAIDKDKYHVDIIYITNDGDWRKQNNITAEIKSTDELHLENGEALEISQLLK
ESSSGQPYDAVFPLLHGPNGEDGTIQGLFEVLDVPYVGNGVLSAASSMDKLVMKQLFEHRGLPQLPYISFLRSEYEKYEH
NILKLVNDKLNYPVFVKPANLGSSVGISKCNNEAELKEGIKEAFQFDRKLVIEQGVNAREIEVAVLGNDYPEATWPGEVV
KDVAFYDYKSKYKDGKVQLQIPADLDEDVQLTLRNMALEAFKATDCSGLVRADFFVTEDNQIYINETNAMPGFTAFSMYP
KLWENMGLSYPELITKLIELAKERHQDKQKNKYKIDRSHHHHHH
;
_entity_poly.pdbx_strand_id   A,B
#
# COMPACT_ATOMS: atom_id res chain seq x y z
N LYS A 3 -27.71 12.80 -15.98
CA LYS A 3 -27.33 11.35 -15.87
C LYS A 3 -25.81 11.10 -15.67
N GLU A 4 -25.42 10.18 -14.78
CA GLU A 4 -23.98 9.96 -14.50
C GLU A 4 -23.35 8.71 -15.10
N ASN A 5 -22.02 8.73 -15.20
CA ASN A 5 -21.32 7.66 -15.87
C ASN A 5 -20.45 6.79 -14.99
N ILE A 6 -20.75 5.49 -15.04
CA ILE A 6 -20.18 4.51 -14.18
C ILE A 6 -19.61 3.41 -15.00
N CYS A 7 -18.60 2.76 -14.44
CA CYS A 7 -17.94 1.62 -15.02
C CYS A 7 -17.69 0.59 -13.91
N ILE A 8 -18.00 -0.65 -14.20
CA ILE A 8 -17.85 -1.69 -13.22
C ILE A 8 -16.78 -2.51 -13.82
N VAL A 9 -15.71 -2.68 -13.07
CA VAL A 9 -14.61 -3.53 -13.48
C VAL A 9 -14.74 -4.85 -12.74
N PHE A 10 -14.65 -5.96 -13.47
CA PHE A 10 -14.78 -7.26 -12.83
C PHE A 10 -14.06 -8.35 -13.56
N GLY A 11 -14.10 -9.53 -12.95
CA GLY A 11 -13.39 -10.72 -13.37
C GLY A 11 -12.15 -10.92 -12.53
N GLY A 12 -11.01 -10.97 -13.20
CA GLY A 12 -9.74 -11.12 -12.54
C GLY A 12 -9.12 -12.47 -12.83
N LYS A 13 -7.80 -12.50 -12.65
CA LYS A 13 -6.98 -13.70 -12.82
C LYS A 13 -7.39 -14.93 -11.97
N SER A 14 -7.99 -14.67 -10.81
CA SER A 14 -8.41 -15.72 -9.84
C SER A 14 -9.45 -16.74 -10.35
N ALA A 15 -9.76 -17.72 -9.50
CA ALA A 15 -10.93 -18.62 -9.65
C ALA A 15 -12.10 -18.18 -8.74
N GLU A 16 -11.86 -17.15 -7.92
CA GLU A 16 -12.90 -16.21 -7.43
C GLU A 16 -13.52 -15.35 -8.57
N HIS A 17 -13.16 -15.72 -9.80
CA HIS A 17 -13.75 -15.25 -11.02
C HIS A 17 -15.28 -15.28 -11.11
N GLU A 18 -15.89 -16.39 -10.70
CA GLU A 18 -17.32 -16.60 -10.89
C GLU A 18 -18.16 -15.88 -9.86
N VAL A 19 -17.61 -15.67 -8.67
CA VAL A 19 -18.29 -14.86 -7.68
C VAL A 19 -18.23 -13.42 -8.22
N SER A 20 -17.05 -13.02 -8.69
CA SER A 20 -16.92 -11.72 -9.33
C SER A 20 -17.97 -11.47 -10.45
N ILE A 21 -18.28 -12.46 -11.29
CA ILE A 21 -19.35 -12.31 -12.33
C ILE A 21 -20.76 -12.15 -11.69
N LEU A 22 -21.02 -12.88 -10.61
CA LEU A 22 -22.34 -12.88 -9.93
C LEU A 22 -22.60 -11.51 -9.32
N THR A 23 -21.55 -10.97 -8.73
CA THR A 23 -21.63 -9.70 -8.07
C THR A 23 -21.88 -8.65 -9.15
N ALA A 24 -21.17 -8.77 -10.25
CA ALA A 24 -21.33 -7.85 -11.36
C ALA A 24 -22.80 -7.81 -11.80
N GLN A 25 -23.37 -8.99 -11.98
CA GLN A 25 -24.82 -9.16 -12.27
C GLN A 25 -25.74 -8.46 -11.25
N ASN A 26 -25.62 -8.81 -9.97
CA ASN A 26 -26.37 -8.13 -8.92
C ASN A 26 -26.24 -6.62 -9.00
N VAL A 27 -25.00 -6.15 -9.16
CA VAL A 27 -24.73 -4.75 -9.07
C VAL A 27 -25.30 -4.02 -10.26
N LEU A 28 -25.25 -4.64 -11.43
CA LEU A 28 -25.81 -4.05 -12.62
C LEU A 28 -27.32 -3.94 -12.52
N ASN A 29 -27.97 -4.98 -12.02
CA ASN A 29 -29.42 -4.97 -11.99
C ASN A 29 -29.95 -4.08 -10.89
N ALA A 30 -29.11 -3.64 -9.95
CA ALA A 30 -29.60 -2.76 -8.89
C ALA A 30 -29.25 -1.28 -9.13
N ILE A 31 -28.70 -1.00 -10.31
CA ILE A 31 -28.42 0.38 -10.79
C ILE A 31 -29.57 0.95 -11.66
N ASP A 32 -30.04 2.15 -11.33
CA ASP A 32 -31.17 2.75 -12.04
C ASP A 32 -30.60 3.33 -13.31
N LYS A 33 -30.85 2.63 -14.40
CA LYS A 33 -30.31 3.00 -15.66
C LYS A 33 -30.87 4.34 -16.13
N ASP A 34 -31.89 4.87 -15.47
CA ASP A 34 -32.40 6.16 -15.89
C ASP A 34 -31.50 7.24 -15.27
N LYS A 35 -30.73 6.90 -14.25
CA LYS A 35 -29.86 7.88 -13.60
C LYS A 35 -28.37 7.66 -13.86
N TYR A 36 -28.01 6.46 -14.34
CA TYR A 36 -26.62 6.10 -14.58
C TYR A 36 -26.37 5.49 -15.94
N HIS A 37 -25.35 5.96 -16.63
CA HIS A 37 -24.85 5.34 -17.84
C HIS A 37 -23.73 4.43 -17.34
N VAL A 38 -23.87 3.14 -17.60
CA VAL A 38 -22.94 2.15 -17.18
C VAL A 38 -22.23 1.42 -18.32
N ASP A 39 -20.88 1.42 -18.32
CA ASP A 39 -20.04 0.48 -19.06
C ASP A 39 -19.42 -0.52 -18.12
N ILE A 40 -18.99 -1.66 -18.64
CA ILE A 40 -18.29 -2.65 -17.80
C ILE A 40 -17.02 -3.12 -18.49
N ILE A 41 -16.03 -3.52 -17.69
CA ILE A 41 -14.79 -4.07 -18.19
C ILE A 41 -14.59 -5.39 -17.49
N TYR A 42 -14.29 -6.41 -18.24
CA TYR A 42 -14.08 -7.72 -17.70
C TYR A 42 -12.59 -8.02 -17.87
N ILE A 43 -11.99 -8.58 -16.81
CA ILE A 43 -10.58 -8.94 -16.83
C ILE A 43 -10.48 -10.46 -16.90
N THR A 44 -9.88 -10.99 -17.96
CA THR A 44 -9.77 -12.45 -18.15
C THR A 44 -8.85 -13.11 -17.12
N ASN A 45 -8.96 -14.45 -17.01
CA ASN A 45 -7.99 -15.27 -16.23
C ASN A 45 -6.56 -14.94 -16.64
N ASP A 46 -6.38 -14.89 -17.97
CA ASP A 46 -5.08 -14.61 -18.61
C ASP A 46 -4.69 -13.15 -18.52
N GLY A 47 -5.57 -12.33 -17.93
CA GLY A 47 -5.29 -10.94 -17.62
C GLY A 47 -5.65 -9.92 -18.69
N ASP A 48 -6.44 -10.29 -19.69
CA ASP A 48 -6.88 -9.31 -20.70
C ASP A 48 -8.13 -8.49 -20.29
N TRP A 49 -8.30 -7.32 -20.89
CA TRP A 49 -9.37 -6.38 -20.47
C TRP A 49 -10.32 -6.29 -21.57
N ARG A 50 -11.57 -6.60 -21.30
CA ARG A 50 -12.59 -6.49 -22.36
C ARG A 50 -13.71 -5.59 -21.93
N LYS A 51 -14.07 -4.64 -22.77
CA LYS A 51 -15.10 -3.65 -22.46
C LYS A 51 -16.38 -3.93 -23.24
N GLN A 52 -17.52 -3.87 -22.53
CA GLN A 52 -18.83 -3.82 -23.12
C GLN A 52 -19.49 -2.51 -22.78
N ASN A 53 -20.08 -1.86 -23.75
CA ASN A 53 -20.64 -0.52 -23.52
C ASN A 53 -22.12 -0.51 -23.19
N ASN A 54 -22.47 0.49 -22.37
CA ASN A 54 -23.86 0.93 -22.14
C ASN A 54 -24.84 -0.16 -21.85
N ILE A 55 -24.78 -0.67 -20.63
CA ILE A 55 -25.77 -1.60 -20.18
C ILE A 55 -27.05 -0.86 -19.91
N THR A 56 -28.13 -1.25 -20.57
CA THR A 56 -29.45 -0.65 -20.35
C THR A 56 -30.57 -1.65 -19.99
N ALA A 57 -30.44 -2.88 -20.45
CA ALA A 57 -31.40 -3.91 -20.08
C ALA A 57 -31.00 -4.44 -18.70
N GLU A 58 -31.95 -5.04 -18.00
CA GLU A 58 -31.69 -6.01 -16.93
C GLU A 58 -30.87 -7.19 -17.47
N ILE A 59 -30.12 -7.85 -16.58
CA ILE A 59 -29.26 -9.00 -16.94
C ILE A 59 -29.79 -10.30 -16.28
N LYS A 60 -30.44 -11.14 -17.05
CA LYS A 60 -31.05 -12.38 -16.52
C LYS A 60 -30.09 -13.58 -16.45
N SER A 61 -28.99 -13.54 -17.20
CA SER A 61 -27.90 -14.47 -16.97
C SER A 61 -26.59 -14.14 -17.71
N THR A 62 -25.61 -15.03 -17.52
CA THR A 62 -24.24 -14.89 -18.00
C THR A 62 -24.01 -14.94 -19.51
N ASP A 63 -24.90 -15.58 -20.26
CA ASP A 63 -24.82 -15.48 -21.72
C ASP A 63 -24.85 -13.97 -22.10
N GLU A 64 -25.69 -13.21 -21.42
CA GLU A 64 -25.90 -11.82 -21.81
C GLU A 64 -24.68 -10.94 -21.56
N LEU A 65 -23.71 -11.44 -20.79
CA LEU A 65 -22.43 -10.76 -20.62
C LEU A 65 -21.52 -11.22 -21.74
N HIS A 66 -20.86 -10.27 -22.41
CA HIS A 66 -19.96 -10.61 -23.54
C HIS A 66 -18.66 -11.24 -22.98
N LEU A 67 -18.30 -10.75 -21.80
CA LEU A 67 -17.13 -11.21 -21.09
C LEU A 67 -15.85 -11.08 -21.92
N GLU A 68 -15.27 -12.20 -22.38
CA GLU A 68 -13.97 -12.20 -23.07
C GLU A 68 -14.08 -11.55 -24.45
N ASN A 69 -15.30 -11.48 -24.96
CA ASN A 69 -15.56 -10.98 -26.31
C ASN A 69 -16.14 -9.57 -26.27
N GLY A 70 -15.53 -8.70 -25.49
CA GLY A 70 -15.79 -7.26 -25.54
C GLY A 70 -14.74 -6.63 -26.41
N GLU A 71 -14.62 -5.29 -26.37
CA GLU A 71 -13.57 -4.60 -27.12
C GLU A 71 -12.28 -4.93 -26.43
N ALA A 72 -11.32 -5.50 -27.15
CA ALA A 72 -9.98 -5.65 -26.59
C ALA A 72 -9.61 -4.23 -26.27
N LEU A 73 -9.27 -4.00 -25.02
CA LEU A 73 -9.07 -2.65 -24.51
C LEU A 73 -7.61 -2.59 -24.11
N GLU A 74 -6.92 -1.55 -24.60
CA GLU A 74 -5.60 -1.21 -24.09
C GLU A 74 -5.77 -0.38 -22.84
N ILE A 75 -5.07 -0.79 -21.78
CA ILE A 75 -4.97 0.03 -20.56
C ILE A 75 -4.31 1.36 -20.89
N SER A 76 -5.02 2.44 -20.64
CA SER A 76 -4.65 3.72 -21.18
C SER A 76 -5.46 4.81 -20.55
N GLN A 77 -5.14 6.04 -20.94
CA GLN A 77 -5.92 7.22 -20.58
C GLN A 77 -7.47 6.95 -20.80
N LEU A 78 -7.80 6.11 -21.79
CA LEU A 78 -9.21 5.91 -22.24
C LEU A 78 -10.13 5.23 -21.23
N LEU A 79 -9.51 4.52 -20.29
CA LEU A 79 -10.21 3.84 -19.21
C LEU A 79 -10.84 4.90 -18.31
N LYS A 80 -10.40 6.14 -18.50
CA LYS A 80 -11.03 7.28 -17.87
C LYS A 80 -12.32 7.67 -18.62
N GLU A 81 -12.30 7.50 -19.97
CA GLU A 81 -13.43 7.88 -20.86
C GLU A 81 -14.57 6.85 -20.98
N SER A 82 -15.78 7.32 -20.68
CA SER A 82 -17.01 6.54 -20.86
C SER A 82 -17.52 6.60 -22.29
N SER A 83 -18.28 5.60 -22.68
CA SER A 83 -18.89 5.52 -24.00
C SER A 83 -19.98 6.53 -24.31
N SER A 84 -20.51 7.22 -23.30
CA SER A 84 -21.32 8.42 -23.56
C SER A 84 -20.49 9.54 -24.21
N GLY A 85 -19.17 9.51 -24.05
CA GLY A 85 -18.29 10.61 -24.44
C GLY A 85 -17.70 11.33 -23.23
N GLN A 86 -18.16 11.00 -22.02
CA GLN A 86 -17.85 11.77 -20.82
C GLN A 86 -16.90 11.03 -19.91
N PRO A 87 -16.09 11.78 -19.12
CA PRO A 87 -15.34 11.11 -18.05
C PRO A 87 -16.24 10.30 -17.10
N TYR A 88 -15.74 9.14 -16.68
CA TYR A 88 -16.44 8.37 -15.69
C TYR A 88 -16.49 9.22 -14.43
N ASP A 89 -17.65 9.23 -13.80
CA ASP A 89 -17.79 9.83 -12.47
C ASP A 89 -17.35 8.90 -11.38
N ALA A 90 -17.40 7.60 -11.61
CA ALA A 90 -16.86 6.61 -10.66
C ALA A 90 -16.64 5.29 -11.36
N VAL A 91 -15.58 4.58 -10.96
CA VAL A 91 -15.33 3.22 -11.42
C VAL A 91 -15.37 2.32 -10.18
N PHE A 92 -15.99 1.16 -10.33
CA PHE A 92 -16.34 0.28 -9.23
C PHE A 92 -15.61 -1.03 -9.46
N PRO A 93 -14.48 -1.24 -8.75
CA PRO A 93 -13.70 -2.46 -8.87
C PRO A 93 -14.25 -3.63 -8.04
N LEU A 94 -14.84 -4.62 -8.72
CA LEU A 94 -15.45 -5.77 -8.04
C LEU A 94 -14.64 -7.00 -8.38
N LEU A 95 -13.39 -7.02 -7.93
CA LEU A 95 -12.53 -8.12 -8.29
C LEU A 95 -11.47 -8.29 -7.22
N HIS A 96 -11.95 -8.86 -6.10
CA HIS A 96 -11.28 -9.00 -4.81
C HIS A 96 -9.78 -8.51 -4.61
N GLY A 97 -8.81 -9.42 -4.38
CA GLY A 97 -7.37 -9.03 -4.14
C GLY A 97 -6.39 -9.35 -5.28
N PRO A 98 -6.56 -8.68 -6.48
CA PRO A 98 -6.10 -9.13 -7.82
C PRO A 98 -4.81 -9.99 -7.92
N ASN A 99 -4.07 -9.82 -9.03
CA ASN A 99 -2.72 -10.44 -9.21
C ASN A 99 -1.62 -9.47 -8.71
N GLY A 100 -0.68 -10.03 -7.94
CA GLY A 100 0.20 -9.24 -7.06
C GLY A 100 -0.42 -9.12 -5.66
N GLU A 101 -1.41 -8.25 -5.55
CA GLU A 101 -2.02 -7.85 -4.27
C GLU A 101 -3.18 -6.92 -4.51
N ASP A 102 -4.09 -6.83 -3.53
CA ASP A 102 -4.98 -5.69 -3.48
C ASP A 102 -4.13 -4.44 -3.23
N GLY A 103 -4.59 -3.33 -3.76
CA GLY A 103 -3.85 -2.12 -3.74
C GLY A 103 -3.37 -1.87 -5.14
N THR A 104 -3.11 -2.93 -5.89
CA THR A 104 -2.49 -2.75 -7.21
C THR A 104 -3.40 -1.99 -8.21
N ILE A 105 -4.62 -2.46 -8.35
CA ILE A 105 -5.50 -1.86 -9.33
C ILE A 105 -5.83 -0.47 -8.90
N GLN A 106 -6.04 -0.25 -7.60
CA GLN A 106 -6.16 1.12 -7.12
C GLN A 106 -4.92 1.98 -7.51
N GLY A 107 -3.72 1.43 -7.51
CA GLY A 107 -2.64 2.23 -8.03
C GLY A 107 -2.81 2.60 -9.49
N LEU A 108 -3.27 1.65 -10.27
CA LEU A 108 -3.50 1.88 -11.70
C LEU A 108 -4.41 3.07 -11.87
N PHE A 109 -5.52 3.09 -11.08
CA PHE A 109 -6.55 4.14 -11.17
C PHE A 109 -5.94 5.48 -10.71
N GLU A 110 -5.14 5.48 -9.65
CA GLU A 110 -4.54 6.74 -9.19
C GLU A 110 -3.67 7.34 -10.28
N VAL A 111 -2.70 6.57 -10.79
CA VAL A 111 -1.91 7.00 -11.96
C VAL A 111 -2.74 7.52 -13.12
N LEU A 112 -3.82 6.84 -13.45
CA LEU A 112 -4.69 7.31 -14.52
C LEU A 112 -5.68 8.37 -14.09
N ASP A 113 -5.79 8.67 -12.80
CA ASP A 113 -6.58 9.79 -12.37
C ASP A 113 -8.07 9.45 -12.52
N VAL A 114 -8.39 8.19 -12.36
CA VAL A 114 -9.78 7.72 -12.43
C VAL A 114 -10.37 7.60 -11.05
N PRO A 115 -11.55 8.21 -10.81
CA PRO A 115 -12.22 8.12 -9.50
C PRO A 115 -12.85 6.77 -9.29
N TYR A 116 -12.54 6.15 -8.18
CA TYR A 116 -12.90 4.77 -7.93
C TYR A 116 -13.54 4.57 -6.56
N VAL A 117 -14.34 3.52 -6.42
CA VAL A 117 -15.07 3.26 -5.20
C VAL A 117 -14.18 2.49 -4.27
N GLY A 118 -14.29 2.72 -2.98
CA GLY A 118 -13.65 1.87 -2.02
C GLY A 118 -12.30 2.32 -1.50
N ASN A 119 -11.57 1.35 -0.96
CA ASN A 119 -10.26 1.61 -0.41
C ASN A 119 -9.21 1.96 -1.47
N GLY A 120 -8.41 2.97 -1.14
CA GLY A 120 -7.20 3.30 -1.81
C GLY A 120 -6.08 2.35 -1.49
N VAL A 121 -4.84 2.77 -1.83
CA VAL A 121 -3.72 1.90 -2.00
C VAL A 121 -3.27 1.44 -0.66
N LEU A 122 -3.03 2.37 0.24
CA LEU A 122 -2.51 2.00 1.54
C LEU A 122 -3.45 1.09 2.25
N SER A 123 -4.74 1.33 2.20
CA SER A 123 -5.59 0.57 3.09
C SER A 123 -5.98 -0.76 2.46
N ALA A 124 -6.06 -0.79 1.14
CA ALA A 124 -6.28 -2.06 0.48
C ALA A 124 -5.02 -2.96 0.62
N ALA A 125 -3.84 -2.40 0.35
CA ALA A 125 -2.61 -3.17 0.55
C ALA A 125 -2.41 -3.59 1.99
N SER A 126 -2.66 -2.68 2.93
CA SER A 126 -2.38 -3.04 4.34
C SER A 126 -3.27 -4.11 4.86
N SER A 127 -4.55 -4.09 4.51
CA SER A 127 -5.43 -5.20 4.86
C SER A 127 -5.29 -6.50 4.03
N MET A 128 -4.47 -6.57 3.01
CA MET A 128 -4.14 -7.86 2.41
C MET A 128 -2.94 -8.46 3.10
N ASP A 129 -2.31 -7.69 4.00
CA ASP A 129 -1.14 -8.16 4.75
C ASP A 129 -1.47 -8.35 6.22
N LYS A 130 -1.56 -9.60 6.64
CA LYS A 130 -2.12 -9.91 7.96
C LYS A 130 -1.29 -9.36 9.11
N LEU A 131 -0.01 -9.12 8.88
CA LEU A 131 0.85 -8.72 9.97
C LEU A 131 0.77 -7.24 10.21
N VAL A 132 0.88 -6.47 9.12
CA VAL A 132 0.80 -5.04 9.21
C VAL A 132 -0.53 -4.69 9.76
N MET A 133 -1.54 -5.40 9.32
CA MET A 133 -2.90 -5.10 9.72
C MET A 133 -2.93 -5.27 11.24
N LYS A 134 -2.30 -6.33 11.73
CA LYS A 134 -2.36 -6.61 13.18
C LYS A 134 -1.62 -5.58 13.99
N GLN A 135 -0.56 -4.99 13.42
CA GLN A 135 0.24 -4.00 14.16
C GLN A 135 -0.49 -2.72 14.30
N LEU A 136 -1.23 -2.37 13.25
CA LEU A 136 -2.10 -1.19 13.25
C LEU A 136 -3.26 -1.34 14.25
N PHE A 137 -3.88 -2.51 14.32
CA PHE A 137 -4.99 -2.66 15.28
C PHE A 137 -4.45 -2.61 16.72
N GLU A 138 -3.29 -3.21 16.94
CA GLU A 138 -2.66 -3.23 18.27
C GLU A 138 -2.44 -1.79 18.64
N HIS A 139 -1.88 -1.02 17.73
CA HIS A 139 -1.59 0.37 18.05
C HIS A 139 -2.86 1.15 18.30
N ARG A 140 -3.93 0.83 17.60
CA ARG A 140 -5.19 1.52 17.86
C ARG A 140 -5.83 1.00 19.17
N GLY A 141 -5.28 -0.04 19.77
CA GLY A 141 -5.79 -0.48 21.05
C GLY A 141 -6.83 -1.57 20.96
N LEU A 142 -6.92 -2.27 19.83
CA LEU A 142 -8.00 -3.19 19.60
C LEU A 142 -7.58 -4.55 20.11
N PRO A 143 -8.50 -5.26 20.76
CA PRO A 143 -8.05 -6.50 21.30
C PRO A 143 -7.98 -7.52 20.17
N GLN A 144 -6.98 -8.41 20.26
CA GLN A 144 -6.65 -9.41 19.26
C GLN A 144 -6.10 -10.64 19.97
N LEU A 145 -6.24 -11.82 19.38
CA LEU A 145 -5.63 -13.00 19.95
C LEU A 145 -4.10 -12.86 20.03
N PRO A 146 -3.45 -13.49 21.00
CA PRO A 146 -1.98 -13.49 20.95
C PRO A 146 -1.39 -14.04 19.64
N TYR A 147 -0.35 -13.40 19.15
CA TYR A 147 0.23 -13.85 17.90
C TYR A 147 1.74 -13.61 17.88
N ILE A 148 2.40 -14.25 16.92
CA ILE A 148 3.85 -14.14 16.72
C ILE A 148 4.01 -14.12 15.24
N SER A 149 4.98 -13.38 14.71
CA SER A 149 5.22 -13.38 13.29
C SER A 149 6.68 -13.31 13.00
N PHE A 150 7.08 -13.67 11.77
CA PHE A 150 8.46 -13.56 11.39
C PHE A 150 8.63 -13.83 9.92
N LEU A 151 9.73 -13.38 9.36
CA LEU A 151 10.10 -13.71 7.98
C LEU A 151 10.79 -15.07 7.88
N ARG A 152 10.81 -15.63 6.68
CA ARG A 152 11.51 -16.87 6.37
C ARG A 152 12.98 -16.74 6.74
N SER A 153 13.62 -15.64 6.36
CA SER A 153 15.01 -15.46 6.68
C SER A 153 15.26 -15.47 8.19
N GLU A 154 14.28 -15.07 9.00
CA GLU A 154 14.39 -15.09 10.47
C GLU A 154 14.22 -16.50 11.06
N TYR A 155 13.28 -17.27 10.53
CA TYR A 155 13.17 -18.68 10.88
C TYR A 155 14.39 -19.51 10.44
N GLU A 156 14.98 -19.16 9.32
CA GLU A 156 16.17 -19.88 8.86
C GLU A 156 17.33 -19.74 9.82
N LYS A 157 17.41 -18.64 10.57
CA LYS A 157 18.50 -18.55 11.56
C LYS A 157 18.08 -18.48 13.04
N TYR A 158 16.79 -18.48 13.33
CA TYR A 158 16.39 -18.54 14.74
C TYR A 158 15.29 -19.54 14.93
N GLU A 159 15.43 -20.72 14.37
CA GLU A 159 14.40 -21.76 14.51
C GLU A 159 14.16 -22.19 15.97
N HIS A 160 15.22 -22.37 16.74
CA HIS A 160 15.05 -22.79 18.12
C HIS A 160 14.29 -21.67 18.87
N ASN A 161 14.71 -20.43 18.65
CA ASN A 161 14.22 -19.30 19.44
C ASN A 161 12.74 -19.11 19.16
N ILE A 162 12.39 -19.13 17.89
CA ILE A 162 11.04 -18.89 17.52
C ILE A 162 10.12 -19.93 18.15
N LEU A 163 10.52 -21.19 18.14
CA LEU A 163 9.63 -22.25 18.61
C LEU A 163 9.47 -22.17 20.11
N LYS A 164 10.52 -21.70 20.78
CA LYS A 164 10.45 -21.44 22.20
C LYS A 164 9.43 -20.33 22.48
N LEU A 165 9.44 -19.29 21.63
CA LEU A 165 8.56 -18.14 21.81
C LEU A 165 7.11 -18.55 21.65
N VAL A 166 6.87 -19.38 20.66
CA VAL A 166 5.54 -19.93 20.41
C VAL A 166 5.15 -20.65 21.67
N ASN A 167 5.97 -21.62 22.04
CA ASN A 167 5.63 -22.51 23.12
C ASN A 167 5.49 -21.77 24.46
N ASP A 168 6.13 -20.62 24.57
CA ASP A 168 6.06 -19.87 25.80
C ASP A 168 4.94 -18.86 25.85
N LYS A 169 4.70 -18.11 24.80
CA LYS A 169 3.61 -17.13 24.86
C LYS A 169 2.27 -17.64 24.28
N LEU A 170 2.24 -18.85 23.72
CA LEU A 170 1.10 -19.33 22.92
C LEU A 170 0.63 -20.74 23.30
N ASN A 171 -0.66 -20.89 23.52
CA ASN A 171 -1.25 -22.17 23.85
C ASN A 171 -1.67 -22.89 22.61
N TYR A 172 -1.16 -24.09 22.42
CA TYR A 172 -1.68 -24.91 21.36
C TYR A 172 -3.14 -25.15 21.69
N PRO A 173 -3.99 -25.26 20.66
CA PRO A 173 -3.65 -25.25 19.23
C PRO A 173 -3.34 -23.84 18.69
N VAL A 174 -2.36 -23.77 17.81
CA VAL A 174 -2.04 -22.54 17.11
C VAL A 174 -2.33 -22.72 15.62
N PHE A 175 -2.58 -21.61 14.92
CA PHE A 175 -2.71 -21.58 13.46
C PHE A 175 -1.53 -20.92 12.78
N VAL A 176 -1.02 -21.52 11.70
CA VAL A 176 0.03 -20.93 10.91
C VAL A 176 -0.63 -20.25 9.75
N LYS A 177 -0.31 -18.98 9.50
CA LYS A 177 -0.92 -18.32 8.37
C LYS A 177 0.11 -17.54 7.58
N PRO A 178 0.17 -17.79 6.27
CA PRO A 178 0.97 -16.96 5.42
C PRO A 178 0.44 -15.54 5.55
N ALA A 179 1.29 -14.53 5.59
CA ALA A 179 0.82 -13.20 5.89
C ALA A 179 0.10 -12.52 4.71
N ASN A 180 0.51 -12.83 3.49
CA ASN A 180 0.15 -12.07 2.28
C ASN A 180 -0.89 -12.63 1.29
N LEU A 181 -1.44 -13.81 1.58
CA LEU A 181 -2.48 -14.42 0.73
C LEU A 181 -3.80 -14.35 1.48
N GLY A 182 -4.89 -14.16 0.78
CA GLY A 182 -6.18 -14.11 1.44
C GLY A 182 -6.84 -15.46 1.26
N SER A 183 -7.88 -15.71 2.05
CA SER A 183 -8.90 -16.76 1.79
C SER A 183 -8.31 -18.12 1.24
N SER A 184 -7.12 -18.52 1.72
CA SER A 184 -6.36 -19.56 1.00
C SER A 184 -5.42 -20.50 1.78
N VAL A 185 -4.25 -20.67 1.18
CA VAL A 185 -3.49 -21.88 1.24
C VAL A 185 -2.40 -21.61 2.21
N GLY A 186 -1.84 -22.68 2.76
CA GLY A 186 -0.81 -22.61 3.79
C GLY A 186 -1.39 -22.50 5.20
N ILE A 187 -2.71 -22.39 5.35
CA ILE A 187 -3.32 -22.36 6.68
C ILE A 187 -3.35 -23.76 7.28
N SER A 188 -2.84 -23.93 8.50
CA SER A 188 -2.83 -25.26 9.13
C SER A 188 -3.03 -25.20 10.65
N LYS A 189 -3.88 -26.09 11.19
CA LYS A 189 -4.09 -26.18 12.64
C LYS A 189 -2.98 -27.06 13.20
N CYS A 190 -2.24 -26.54 14.19
CA CYS A 190 -1.13 -27.25 14.81
C CYS A 190 -1.33 -27.39 16.30
N ASN A 191 -1.53 -28.62 16.74
CA ASN A 191 -1.73 -28.94 18.14
C ASN A 191 -0.43 -29.16 18.92
N ASN A 192 0.71 -29.14 18.22
CA ASN A 192 2.00 -29.44 18.87
C ASN A 192 3.15 -29.12 17.95
N GLU A 193 4.34 -29.08 18.52
CA GLU A 193 5.47 -28.48 17.84
C GLU A 193 5.91 -29.24 16.60
N ALA A 194 5.79 -30.55 16.64
CA ALA A 194 6.02 -31.36 15.47
C ALA A 194 5.16 -30.82 14.35
N GLU A 195 3.87 -30.69 14.65
CA GLU A 195 2.87 -30.21 13.70
C GLU A 195 3.29 -28.82 13.26
N LEU A 196 3.36 -27.91 14.22
CA LEU A 196 3.79 -26.54 13.96
C LEU A 196 4.94 -26.49 13.01
N LYS A 197 5.95 -27.28 13.30
CA LYS A 197 7.16 -27.20 12.55
C LYS A 197 6.88 -27.51 11.07
N GLU A 198 6.05 -28.52 10.77
CA GLU A 198 5.77 -28.82 9.37
C GLU A 198 4.74 -27.89 8.74
N GLY A 199 3.88 -27.29 9.58
CA GLY A 199 2.93 -26.26 9.10
C GLY A 199 3.63 -25.01 8.59
N ILE A 200 4.73 -24.65 9.26
CA ILE A 200 5.60 -23.54 8.86
C ILE A 200 6.35 -23.92 7.59
N LYS A 201 6.88 -25.14 7.57
CA LYS A 201 7.52 -25.67 6.37
C LYS A 201 6.53 -25.60 5.23
N GLU A 202 5.30 -26.05 5.47
CA GLU A 202 4.23 -25.95 4.47
C GLU A 202 4.03 -24.50 4.07
N ALA A 203 3.89 -23.62 5.06
CA ALA A 203 3.50 -22.22 4.78
C ALA A 203 4.53 -21.56 3.88
N PHE A 204 5.79 -21.80 4.17
CA PHE A 204 6.89 -21.21 3.40
C PHE A 204 7.12 -21.75 1.98
N GLN A 205 6.34 -22.72 1.49
CA GLN A 205 6.40 -23.04 0.06
C GLN A 205 5.62 -22.00 -0.76
N PHE A 206 4.72 -21.28 -0.08
CA PHE A 206 3.83 -20.29 -0.69
C PHE A 206 4.17 -18.81 -0.36
N ASP A 207 4.80 -18.55 0.77
CA ASP A 207 5.00 -17.14 1.22
C ASP A 207 6.31 -16.90 2.01
N ARG A 208 6.72 -15.65 2.13
CA ARG A 208 7.97 -15.35 2.78
C ARG A 208 7.74 -14.90 4.22
N LYS A 209 6.49 -14.81 4.63
CA LYS A 209 6.17 -14.14 5.87
C LYS A 209 4.95 -14.80 6.53
N LEU A 210 5.06 -15.15 7.81
CA LEU A 210 3.99 -15.89 8.51
C LEU A 210 3.50 -15.20 9.79
N VAL A 211 2.26 -15.51 10.09
CA VAL A 211 1.72 -15.23 11.39
C VAL A 211 1.45 -16.56 11.99
N ILE A 212 1.74 -16.70 13.29
CA ILE A 212 1.32 -17.84 14.10
C ILE A 212 0.35 -17.32 15.10
N GLU A 213 -0.83 -17.92 15.16
CA GLU A 213 -1.92 -17.33 15.91
C GLU A 213 -2.46 -18.29 16.87
N GLN A 214 -2.66 -17.84 18.09
CA GLN A 214 -3.33 -18.68 19.09
C GLN A 214 -4.81 -18.91 18.68
N GLY A 215 -5.27 -20.15 18.73
CA GLY A 215 -6.66 -20.48 18.32
C GLY A 215 -7.74 -20.36 19.40
N VAL A 216 -8.96 -19.99 18.98
CA VAL A 216 -10.13 -19.95 19.88
C VAL A 216 -11.39 -20.59 19.33
N ASN A 217 -12.30 -20.94 20.22
CA ASN A 217 -13.66 -21.31 19.84
C ASN A 217 -14.51 -20.06 19.84
N ALA A 218 -14.92 -19.58 18.69
CA ALA A 218 -15.74 -18.40 18.75
C ALA A 218 -16.78 -18.37 17.66
N ARG A 219 -17.82 -17.60 17.90
CA ARG A 219 -18.71 -17.23 16.85
C ARG A 219 -18.04 -16.10 16.05
N GLU A 220 -18.24 -16.12 14.73
CA GLU A 220 -17.74 -15.10 13.83
C GLU A 220 -18.82 -14.05 13.61
N ILE A 221 -18.47 -12.81 13.92
CA ILE A 221 -19.40 -11.72 13.93
C ILE A 221 -18.86 -10.62 13.05
N GLU A 222 -19.73 -9.98 12.30
CA GLU A 222 -19.30 -9.07 11.28
C GLU A 222 -20.05 -7.75 11.32
N VAL A 223 -19.33 -6.65 11.02
CA VAL A 223 -19.87 -5.32 10.96
C VAL A 223 -19.50 -4.64 9.64
N ALA A 224 -20.49 -4.05 9.00
CA ALA A 224 -20.26 -3.29 7.79
C ALA A 224 -20.08 -1.83 8.21
N VAL A 225 -19.11 -1.14 7.61
CA VAL A 225 -19.01 0.31 7.76
C VAL A 225 -18.89 0.97 6.37
N LEU A 226 -19.40 2.19 6.33
CA LEU A 226 -19.57 2.97 5.12
C LEU A 226 -19.23 4.43 5.49
N GLY A 227 -18.37 5.05 4.69
CA GLY A 227 -18.05 6.45 4.84
C GLY A 227 -16.69 6.83 4.24
N ASN A 228 -16.41 8.13 4.23
CA ASN A 228 -15.07 8.58 4.06
C ASN A 228 -14.57 9.12 5.41
N ASP A 229 -14.77 10.40 5.73
CA ASP A 229 -14.24 10.98 6.95
C ASP A 229 -15.15 10.78 8.14
N TYR A 230 -16.43 10.52 7.87
CA TYR A 230 -17.47 10.39 8.91
C TYR A 230 -18.17 9.06 8.73
N PRO A 231 -17.42 8.00 8.91
CA PRO A 231 -17.99 6.65 8.74
C PRO A 231 -19.11 6.34 9.73
N GLU A 232 -19.97 5.40 9.33
CA GLU A 232 -21.07 4.87 10.12
C GLU A 232 -20.94 3.37 10.10
N ALA A 233 -21.40 2.71 11.14
CA ALA A 233 -21.24 1.29 11.27
C ALA A 233 -22.60 0.68 11.46
N THR A 234 -22.85 -0.50 10.90
CA THR A 234 -24.12 -1.25 11.12
C THR A 234 -24.22 -1.88 12.53
N TRP A 235 -25.39 -2.40 12.92
CA TRP A 235 -25.39 -3.49 13.90
C TRP A 235 -24.72 -4.71 13.28
N PRO A 236 -24.16 -5.59 14.13
CA PRO A 236 -23.51 -6.78 13.62
C PRO A 236 -24.48 -7.87 13.26
N GLY A 237 -23.97 -8.83 12.51
CA GLY A 237 -24.67 -10.02 12.11
C GLY A 237 -23.66 -11.15 12.17
N GLU A 238 -24.11 -12.37 11.89
CA GLU A 238 -23.32 -13.57 12.15
C GLU A 238 -23.71 -14.60 11.08
N VAL A 239 -22.95 -15.69 10.92
CA VAL A 239 -23.43 -16.81 10.06
C VAL A 239 -24.21 -17.83 10.95
N VAL A 240 -25.49 -18.09 10.67
CA VAL A 240 -26.31 -18.90 11.60
C VAL A 240 -25.85 -20.36 11.66
N LYS A 241 -25.40 -20.76 12.85
CA LYS A 241 -24.81 -22.07 13.10
C LYS A 241 -24.94 -22.35 14.61
N ASP A 242 -24.70 -23.61 14.99
CA ASP A 242 -24.65 -24.05 16.38
C ASP A 242 -23.18 -24.49 16.78
N VAL A 243 -22.25 -24.54 15.81
CA VAL A 243 -20.83 -24.96 16.03
C VAL A 243 -19.92 -24.20 15.07
N ALA A 244 -18.83 -23.63 15.59
CA ALA A 244 -17.78 -22.99 14.75
C ALA A 244 -16.77 -24.03 14.20
N PHE A 245 -16.74 -25.23 14.80
CA PHE A 245 -15.94 -26.39 14.37
C PHE A 245 -14.59 -26.05 13.69
N VAL A 257 -26.30 -18.53 1.89
CA VAL A 257 -26.12 -19.22 3.18
C VAL A 257 -26.82 -18.43 4.32
N GLN A 258 -27.25 -19.11 5.38
CA GLN A 258 -28.02 -18.44 6.45
C GLN A 258 -27.18 -17.51 7.37
N LEU A 259 -27.85 -16.47 7.82
CA LEU A 259 -27.25 -15.28 8.42
C LEU A 259 -28.22 -14.68 9.44
N GLN A 260 -27.70 -14.18 10.55
CA GLN A 260 -28.56 -13.60 11.59
C GLN A 260 -28.28 -12.11 11.78
N ILE A 261 -29.23 -11.26 11.37
CA ILE A 261 -29.04 -9.81 11.43
C ILE A 261 -30.25 -9.20 12.11
N PRO A 262 -30.08 -8.56 13.27
CA PRO A 262 -28.86 -8.42 14.02
C PRO A 262 -28.42 -9.73 14.66
N ALA A 263 -27.13 -9.83 14.98
CA ALA A 263 -26.58 -11.03 15.57
C ALA A 263 -27.22 -11.25 16.93
N ASP A 264 -27.41 -12.50 17.37
CA ASP A 264 -27.95 -12.71 18.75
C ASP A 264 -26.88 -12.49 19.81
N LEU A 265 -26.90 -11.31 20.42
CA LEU A 265 -25.86 -10.88 21.36
C LEU A 265 -26.42 -9.79 22.21
N ASP A 266 -25.78 -9.56 23.36
CA ASP A 266 -26.14 -8.45 24.26
C ASP A 266 -26.06 -7.11 23.55
N GLU A 267 -26.94 -6.21 24.00
CA GLU A 267 -27.09 -4.87 23.43
C GLU A 267 -25.75 -4.16 23.46
N ASP A 268 -25.11 -4.27 24.62
CA ASP A 268 -23.84 -3.63 24.81
C ASP A 268 -22.69 -4.25 24.00
N VAL A 269 -22.59 -5.57 23.97
CA VAL A 269 -21.63 -6.20 23.08
C VAL A 269 -21.78 -5.68 21.63
N GLN A 270 -22.99 -5.37 21.24
CA GLN A 270 -23.30 -4.86 19.93
C GLN A 270 -22.79 -3.46 19.75
N LEU A 271 -23.10 -2.56 20.66
CA LEU A 271 -22.47 -1.23 20.64
C LEU A 271 -20.93 -1.32 20.59
N THR A 272 -20.34 -2.22 21.39
CA THR A 272 -18.89 -2.27 21.51
C THR A 272 -18.25 -2.63 20.17
N LEU A 273 -18.80 -3.68 19.58
CA LEU A 273 -18.44 -4.10 18.24
C LEU A 273 -18.63 -3.00 17.16
N ARG A 274 -19.69 -2.23 17.23
CA ARG A 274 -19.85 -1.09 16.34
C ARG A 274 -18.70 -0.14 16.45
N ASN A 275 -18.33 0.17 17.68
CA ASN A 275 -17.33 1.18 17.91
C ASN A 275 -16.00 0.61 17.50
N MET A 276 -15.77 -0.67 17.80
CA MET A 276 -14.52 -1.24 17.42
C MET A 276 -14.40 -1.17 15.89
N ALA A 277 -15.49 -1.38 15.18
CA ALA A 277 -15.45 -1.46 13.74
C ALA A 277 -15.04 -0.10 13.16
N LEU A 278 -15.57 0.96 13.77
CA LEU A 278 -15.21 2.33 13.41
C LEU A 278 -13.76 2.62 13.68
N GLU A 279 -13.23 2.10 14.77
CA GLU A 279 -11.82 2.21 15.09
C GLU A 279 -10.94 1.37 14.13
N ALA A 280 -11.38 0.15 13.82
CA ALA A 280 -10.66 -0.67 12.83
C ALA A 280 -10.63 0.07 11.45
N PHE A 281 -11.72 0.70 11.06
CA PHE A 281 -11.79 1.46 9.83
C PHE A 281 -10.69 2.51 9.79
N LYS A 282 -10.55 3.23 10.89
CA LYS A 282 -9.59 4.30 10.95
C LYS A 282 -8.21 3.73 11.04
N ALA A 283 -8.03 2.66 11.80
CA ALA A 283 -6.70 2.12 11.94
C ALA A 283 -6.05 1.95 10.59
N THR A 284 -6.78 1.53 9.57
CA THR A 284 -6.21 1.29 8.22
C THR A 284 -6.39 2.46 7.28
N ASP A 285 -6.90 3.55 7.80
CA ASP A 285 -7.30 4.64 6.98
C ASP A 285 -8.12 4.25 5.75
N CYS A 286 -9.17 3.48 5.96
CA CYS A 286 -10.07 3.11 4.88
C CYS A 286 -10.82 4.26 4.28
N SER A 287 -11.25 4.09 3.03
CA SER A 287 -12.25 4.93 2.36
C SER A 287 -13.35 4.07 1.79
N GLY A 288 -14.53 4.68 1.69
CA GLY A 288 -15.72 4.02 1.18
C GLY A 288 -16.36 3.03 2.13
N LEU A 289 -15.69 1.92 2.40
CA LEU A 289 -16.30 0.77 3.08
C LEU A 289 -15.23 -0.12 3.75
N VAL A 290 -15.62 -0.87 4.76
CA VAL A 290 -14.87 -2.05 5.18
C VAL A 290 -15.82 -2.96 5.86
N ARG A 291 -15.49 -4.24 5.91
CA ARG A 291 -16.19 -5.15 6.78
C ARG A 291 -15.21 -5.59 7.80
N ALA A 292 -15.57 -5.45 9.06
CA ALA A 292 -14.70 -5.85 10.18
C ALA A 292 -15.24 -7.14 10.73
N ASP A 293 -14.40 -8.15 10.87
CA ASP A 293 -14.85 -9.45 11.30
C ASP A 293 -14.20 -9.70 12.66
N PHE A 294 -14.99 -10.16 13.64
CA PHE A 294 -14.52 -10.41 15.01
C PHE A 294 -14.77 -11.85 15.38
N PHE A 295 -14.06 -12.33 16.39
CA PHE A 295 -14.35 -13.58 17.08
C PHE A 295 -14.96 -13.19 18.42
N VAL A 296 -16.08 -13.79 18.76
CA VAL A 296 -16.67 -13.53 20.05
C VAL A 296 -16.87 -14.85 20.74
N THR A 297 -16.19 -15.03 21.87
CA THR A 297 -16.29 -16.23 22.66
C THR A 297 -17.59 -16.26 23.45
N GLU A 298 -17.75 -17.40 24.10
CA GLU A 298 -18.87 -17.75 24.96
C GLU A 298 -19.18 -16.74 26.03
N ASP A 299 -18.14 -16.26 26.71
CA ASP A 299 -18.33 -15.27 27.75
C ASP A 299 -18.02 -13.92 27.17
N ASN A 300 -18.45 -13.74 25.94
CA ASN A 300 -18.38 -12.47 25.30
C ASN A 300 -17.02 -11.84 25.29
N GLN A 301 -15.92 -12.58 25.25
CA GLN A 301 -14.64 -11.93 24.95
C GLN A 301 -14.56 -11.63 23.43
N ILE A 302 -14.11 -10.43 23.08
CA ILE A 302 -14.08 -9.97 21.69
C ILE A 302 -12.67 -9.87 21.15
N TYR A 303 -12.45 -10.42 19.98
CA TYR A 303 -11.18 -10.23 19.33
C TYR A 303 -11.40 -9.89 17.92
N ILE A 304 -10.77 -8.82 17.45
CA ILE A 304 -10.82 -8.49 16.01
C ILE A 304 -9.97 -9.51 15.21
N ASN A 305 -10.54 -10.12 14.17
CA ASN A 305 -9.81 -11.04 13.28
C ASN A 305 -9.23 -10.36 12.05
N GLU A 306 -10.08 -9.76 11.22
CA GLU A 306 -9.56 -9.02 10.10
C GLU A 306 -10.56 -7.97 9.71
N THR A 307 -10.08 -6.96 8.98
CA THR A 307 -10.93 -6.12 8.17
C THR A 307 -10.83 -6.60 6.72
N ASN A 308 -11.84 -6.30 5.93
CA ASN A 308 -11.90 -6.71 4.54
C ASN A 308 -12.26 -5.53 3.68
N ALA A 309 -11.31 -5.14 2.86
CA ALA A 309 -11.40 -3.94 2.05
C ALA A 309 -12.36 -4.06 0.88
N MET A 310 -12.56 -5.24 0.33
CA MET A 310 -13.58 -5.41 -0.70
C MET A 310 -14.34 -6.72 -0.46
N PRO A 311 -15.34 -6.66 0.40
CA PRO A 311 -16.05 -7.82 0.85
C PRO A 311 -17.11 -8.19 -0.15
N GLY A 312 -17.62 -9.43 -0.01
CA GLY A 312 -18.78 -9.92 -0.72
C GLY A 312 -19.87 -8.89 -0.82
N PHE A 313 -20.27 -8.66 -2.06
CA PHE A 313 -21.13 -7.59 -2.41
C PHE A 313 -22.24 -8.05 -3.33
N THR A 314 -22.58 -9.34 -3.25
CA THR A 314 -23.77 -9.82 -3.95
C THR A 314 -25.02 -9.39 -3.17
N ALA A 315 -26.16 -9.60 -3.82
CA ALA A 315 -27.50 -9.35 -3.30
C ALA A 315 -27.73 -9.92 -1.92
N PHE A 316 -27.14 -11.08 -1.66
CA PHE A 316 -27.30 -11.74 -0.39
C PHE A 316 -25.99 -11.83 0.39
N SER A 317 -24.99 -11.02 0.05
CA SER A 317 -23.74 -11.01 0.79
C SER A 317 -23.96 -10.33 2.11
N MET A 318 -23.18 -10.72 3.10
CA MET A 318 -23.32 -10.15 4.44
C MET A 318 -23.30 -8.60 4.39
N TYR A 319 -22.39 -8.03 3.58
CA TYR A 319 -22.11 -6.61 3.70
C TYR A 319 -23.34 -5.87 3.23
N PRO A 320 -23.86 -6.21 2.04
CA PRO A 320 -25.19 -5.64 1.71
C PRO A 320 -26.37 -5.90 2.69
N LYS A 321 -26.52 -7.12 3.20
CA LYS A 321 -27.61 -7.43 4.14
C LYS A 321 -27.54 -6.58 5.43
N LEU A 322 -26.36 -6.27 5.89
CA LEU A 322 -26.23 -5.51 7.15
C LEU A 322 -26.73 -4.08 6.99
N TRP A 323 -26.48 -3.50 5.83
CA TRP A 323 -27.04 -2.18 5.53
C TRP A 323 -28.52 -2.24 5.24
N GLU A 324 -28.98 -3.33 4.68
CA GLU A 324 -30.42 -3.51 4.61
C GLU A 324 -31.05 -3.42 6.03
N ASN A 325 -30.41 -4.02 7.03
CA ASN A 325 -30.96 -3.95 8.40
C ASN A 325 -31.25 -2.54 8.88
N MET A 326 -30.49 -1.58 8.38
CA MET A 326 -30.66 -0.18 8.78
C MET A 326 -31.44 0.66 7.73
N GLY A 327 -32.17 0.02 6.82
CA GLY A 327 -33.01 0.76 5.87
C GLY A 327 -32.25 1.34 4.71
N LEU A 328 -31.01 0.93 4.52
CA LEU A 328 -30.33 1.34 3.31
C LEU A 328 -30.42 0.14 2.33
N SER A 329 -31.28 0.25 1.32
CA SER A 329 -31.37 -0.84 0.34
C SER A 329 -30.13 -0.91 -0.54
N TYR A 330 -30.02 -2.07 -1.19
CA TYR A 330 -28.92 -2.37 -2.08
C TYR A 330 -28.69 -1.23 -3.10
N PRO A 331 -29.77 -0.79 -3.79
CA PRO A 331 -29.47 0.26 -4.77
C PRO A 331 -28.91 1.53 -4.13
N GLU A 332 -29.40 1.88 -2.92
CA GLU A 332 -29.03 3.13 -2.27
C GLU A 332 -27.62 3.01 -1.77
N LEU A 333 -27.28 1.82 -1.28
CA LEU A 333 -25.91 1.47 -0.96
C LEU A 333 -25.08 1.77 -2.19
N ILE A 334 -25.47 1.22 -3.33
CA ILE A 334 -24.63 1.39 -4.49
C ILE A 334 -24.49 2.84 -4.84
N THR A 335 -25.58 3.61 -4.77
CA THR A 335 -25.50 5.02 -5.13
C THR A 335 -24.57 5.78 -4.17
N LYS A 336 -24.62 5.42 -2.90
CA LYS A 336 -23.93 6.08 -1.82
C LYS A 336 -22.41 5.87 -1.95
N LEU A 337 -22.02 4.64 -2.23
CA LEU A 337 -20.63 4.31 -2.59
C LEU A 337 -20.10 5.18 -3.77
N ILE A 338 -20.98 5.54 -4.68
CA ILE A 338 -20.55 6.30 -5.86
C ILE A 338 -20.32 7.74 -5.46
N GLU A 339 -21.17 8.27 -4.59
CA GLU A 339 -21.05 9.65 -4.15
C GLU A 339 -19.82 9.76 -3.28
N LEU A 340 -19.57 8.78 -2.42
CA LEU A 340 -18.34 8.74 -1.64
C LEU A 340 -17.12 8.67 -2.56
N ALA A 341 -17.19 7.91 -3.63
CA ALA A 341 -16.11 7.91 -4.63
C ALA A 341 -15.86 9.29 -5.26
N LYS A 342 -16.90 10.01 -5.63
CA LYS A 342 -16.73 11.34 -6.20
C LYS A 342 -16.18 12.30 -5.17
N GLU A 343 -16.72 12.23 -3.94
CA GLU A 343 -16.30 13.13 -2.88
C GLU A 343 -14.82 13.00 -2.71
N ARG A 344 -14.36 11.77 -2.55
CA ARG A 344 -12.95 11.46 -2.35
C ARG A 344 -12.06 11.96 -3.52
N HIS A 345 -12.46 11.70 -4.76
CA HIS A 345 -11.66 12.17 -5.89
C HIS A 345 -11.51 13.69 -5.90
N GLN A 346 -12.57 14.38 -5.52
CA GLN A 346 -12.58 15.85 -5.50
C GLN A 346 -11.75 16.44 -4.41
N ASP A 347 -11.80 15.88 -3.21
CA ASP A 347 -10.94 16.38 -2.15
C ASP A 347 -9.48 16.16 -2.51
N LYS A 348 -9.15 15.07 -3.18
CA LYS A 348 -7.78 14.88 -3.62
C LYS A 348 -7.38 16.03 -4.56
N GLN A 349 -8.21 16.33 -5.55
CA GLN A 349 -7.90 17.39 -6.53
C GLN A 349 -7.86 18.82 -5.97
N LYS A 350 -8.62 19.08 -4.89
CA LYS A 350 -8.57 20.35 -4.14
C LYS A 350 -7.23 20.47 -3.41
N ASN A 351 -6.74 19.34 -2.93
CA ASN A 351 -5.47 19.27 -2.25
C ASN A 351 -4.37 19.22 -3.24
N LYS A 352 -4.48 18.41 -4.29
CA LYS A 352 -3.41 18.41 -5.29
C LYS A 352 -3.21 19.82 -5.86
N TYR A 353 -4.30 20.56 -6.04
CA TYR A 353 -4.23 21.95 -6.49
C TYR A 353 -3.70 22.88 -5.39
N LYS A 354 -4.34 22.85 -4.23
CA LYS A 354 -3.97 23.75 -3.13
C LYS A 354 -2.51 23.57 -2.79
N ILE A 355 -2.01 22.36 -2.99
CA ILE A 355 -0.61 22.08 -2.78
C ILE A 355 0.21 22.85 -3.82
N ASP A 356 -0.08 22.59 -5.09
CA ASP A 356 0.75 23.08 -6.19
C ASP A 356 0.90 24.61 -6.20
N ARG A 357 -0.04 25.31 -5.55
CA ARG A 357 -0.04 26.77 -5.56
C ARG A 357 0.69 27.43 -4.40
N SER A 358 1.06 26.69 -3.38
CA SER A 358 1.82 27.30 -2.30
C SER A 358 3.20 27.70 -2.78
N LYS B 3 21.80 -11.24 -23.69
CA LYS B 3 21.69 -9.78 -23.33
C LYS B 3 20.30 -9.42 -22.76
N GLU B 4 20.26 -8.47 -21.82
CA GLU B 4 19.04 -8.18 -21.06
C GLU B 4 18.40 -6.81 -21.28
N ASN B 5 17.06 -6.75 -21.19
CA ASN B 5 16.29 -5.58 -21.65
C ASN B 5 15.72 -4.78 -20.49
N ILE B 6 16.07 -3.51 -20.44
CA ILE B 6 15.81 -2.65 -19.32
C ILE B 6 15.10 -1.40 -19.75
N CYS B 7 14.22 -0.88 -18.90
CA CYS B 7 13.47 0.37 -19.21
C CYS B 7 13.59 1.37 -18.07
N ILE B 8 14.07 2.59 -18.38
CA ILE B 8 14.12 3.66 -17.38
C ILE B 8 12.94 4.57 -17.63
N VAL B 9 12.24 4.83 -16.54
CA VAL B 9 11.00 5.55 -16.59
C VAL B 9 11.19 6.69 -15.63
N PHE B 10 11.17 7.91 -16.15
CA PHE B 10 11.59 9.05 -15.38
C PHE B 10 10.69 10.21 -15.70
N GLY B 11 10.79 11.27 -14.91
CA GLY B 11 9.93 12.45 -15.09
C GLY B 11 8.95 12.63 -13.95
N GLY B 12 7.67 12.73 -14.28
CA GLY B 12 6.62 12.91 -13.30
C GLY B 12 5.83 14.17 -13.57
N LYS B 13 4.84 14.40 -12.71
CA LYS B 13 4.03 15.61 -12.73
C LYS B 13 4.52 16.56 -11.64
N SER B 14 5.71 16.24 -11.10
CA SER B 14 6.08 16.61 -9.72
C SER B 14 6.93 17.88 -9.61
N ALA B 15 7.18 18.28 -8.37
CA ALA B 15 8.13 19.35 -8.09
C ALA B 15 9.50 18.86 -8.56
N GLU B 16 9.86 17.64 -8.18
CA GLU B 16 11.16 17.04 -8.52
C GLU B 16 11.36 16.54 -9.97
N HIS B 17 10.47 16.93 -10.87
CA HIS B 17 10.54 16.57 -12.29
C HIS B 17 11.93 16.69 -12.93
N GLU B 18 12.62 17.81 -12.75
CA GLU B 18 13.94 17.95 -13.37
C GLU B 18 14.97 17.06 -12.69
N VAL B 19 14.86 16.90 -11.36
CA VAL B 19 15.75 16.04 -10.62
C VAL B 19 15.56 14.61 -11.10
N SER B 20 14.37 14.30 -11.59
CA SER B 20 14.12 12.98 -12.16
C SER B 20 14.84 12.80 -13.49
N ILE B 21 14.82 13.85 -14.32
CA ILE B 21 15.57 13.89 -15.59
C ILE B 21 17.09 13.77 -15.37
N LEU B 22 17.61 14.55 -14.42
CA LEU B 22 19.04 14.53 -14.05
C LEU B 22 19.50 13.13 -13.67
N THR B 23 18.67 12.46 -12.87
CA THR B 23 18.93 11.14 -12.42
C THR B 23 18.85 10.18 -13.62
N ALA B 24 17.90 10.38 -14.53
CA ALA B 24 17.85 9.53 -15.73
C ALA B 24 19.22 9.54 -16.47
N GLN B 25 19.82 10.73 -16.62
CA GLN B 25 21.13 10.91 -17.26
C GLN B 25 22.25 10.17 -16.54
N ASN B 26 22.27 10.35 -15.22
CA ASN B 26 23.19 9.63 -14.36
C ASN B 26 23.09 8.10 -14.62
N VAL B 27 21.90 7.55 -14.55
CA VAL B 27 21.70 6.12 -14.63
C VAL B 27 22.01 5.61 -16.05
N LEU B 28 21.56 6.37 -17.06
CA LEU B 28 21.78 5.99 -18.44
C LEU B 28 23.29 5.94 -18.73
N ASN B 29 24.06 6.88 -18.23
CA ASN B 29 25.50 6.83 -18.42
C ASN B 29 26.28 5.78 -17.60
N ALA B 30 25.80 5.34 -16.44
CA ALA B 30 26.55 4.32 -15.68
C ALA B 30 26.19 2.92 -16.15
N ILE B 31 25.11 2.79 -16.88
CA ILE B 31 24.66 1.48 -17.31
C ILE B 31 25.53 0.96 -18.51
N ASP B 32 26.00 -0.29 -18.37
CA ASP B 32 26.86 -0.93 -19.38
C ASP B 32 26.04 -1.36 -20.57
N LYS B 33 26.10 -0.61 -21.66
CA LYS B 33 25.28 -0.93 -22.82
C LYS B 33 25.74 -2.22 -23.54
N ASP B 34 26.80 -2.84 -22.99
CA ASP B 34 27.29 -4.17 -23.39
C ASP B 34 26.75 -5.26 -22.43
N LYS B 35 25.78 -4.92 -21.59
CA LYS B 35 25.08 -5.87 -20.73
C LYS B 35 23.55 -5.72 -20.91
N TYR B 36 23.11 -4.48 -21.09
CA TYR B 36 21.69 -4.18 -21.20
C TYR B 36 21.27 -3.39 -22.44
N HIS B 37 20.23 -3.86 -23.14
CA HIS B 37 19.44 -3.04 -24.09
C HIS B 37 18.54 -2.19 -23.22
N VAL B 38 18.54 -0.89 -23.50
CA VAL B 38 17.85 0.09 -22.68
C VAL B 38 16.88 0.93 -23.47
N ASP B 39 15.66 1.07 -22.96
CA ASP B 39 14.64 1.93 -23.53
C ASP B 39 14.33 2.97 -22.43
N ILE B 40 13.65 4.05 -22.78
CA ILE B 40 13.33 5.05 -21.79
C ILE B 40 11.93 5.60 -22.00
N ILE B 41 11.22 5.77 -20.87
CA ILE B 41 9.87 6.31 -20.90
C ILE B 41 9.87 7.61 -20.12
N TYR B 42 9.71 8.71 -20.87
CA TYR B 42 9.51 10.03 -20.30
C TYR B 42 8.03 10.26 -19.97
N ILE B 43 7.76 10.67 -18.73
CA ILE B 43 6.44 11.11 -18.31
C ILE B 43 6.52 12.57 -17.90
N THR B 44 5.83 13.43 -18.63
CA THR B 44 5.86 14.88 -18.36
C THR B 44 4.86 15.30 -17.27
N ASN B 45 4.83 16.57 -16.89
CA ASN B 45 3.80 17.06 -15.94
C ASN B 45 2.47 17.23 -16.66
N ASP B 46 2.10 16.22 -17.44
CA ASP B 46 0.79 16.18 -18.12
C ASP B 46 0.28 14.73 -18.36
N GLY B 47 1.02 13.75 -17.86
CA GLY B 47 0.71 12.33 -18.09
C GLY B 47 0.97 11.95 -19.54
N ASP B 48 1.93 12.64 -20.16
CA ASP B 48 2.27 12.46 -21.57
C ASP B 48 3.47 11.53 -21.69
N TRP B 49 3.21 10.25 -21.38
CA TRP B 49 4.19 9.17 -21.50
C TRP B 49 4.83 9.05 -22.89
N ARG B 50 6.16 9.12 -22.96
CA ARG B 50 6.89 9.03 -24.23
C ARG B 50 8.03 8.01 -24.19
N LYS B 51 8.02 7.04 -25.11
CA LYS B 51 9.02 5.98 -25.14
C LYS B 51 10.08 6.17 -26.22
N GLN B 52 11.34 5.94 -25.86
CA GLN B 52 12.42 5.99 -26.81
C GLN B 52 13.27 4.74 -26.68
N ASN B 53 13.52 4.07 -27.80
CA ASN B 53 14.08 2.75 -27.76
C ASN B 53 15.59 2.72 -27.94
N ASN B 54 16.19 1.67 -27.39
CA ASN B 54 17.59 1.33 -27.70
C ASN B 54 18.53 2.53 -27.56
N ILE B 55 18.83 2.89 -26.32
CA ILE B 55 19.78 3.93 -26.00
C ILE B 55 21.13 3.26 -26.03
N THR B 56 22.00 3.77 -26.90
CA THR B 56 23.37 3.32 -27.01
C THR B 56 24.30 4.52 -27.19
N ALA B 57 24.12 5.56 -26.38
CA ALA B 57 24.94 6.78 -26.55
C ALA B 57 25.07 7.53 -25.23
N GLU B 58 26.21 8.19 -25.06
CA GLU B 58 26.61 8.74 -23.77
C GLU B 58 26.13 10.18 -23.54
N ILE B 59 24.80 10.37 -23.66
CA ILE B 59 24.06 11.60 -23.32
C ILE B 59 24.77 12.70 -22.52
N LYS B 60 25.11 13.80 -23.21
CA LYS B 60 25.93 14.93 -22.70
C LYS B 60 25.12 15.94 -21.88
N SER B 61 24.01 16.44 -22.42
CA SER B 61 23.14 17.37 -21.68
C SER B 61 21.85 16.71 -21.19
N THR B 62 21.19 17.38 -20.25
CA THR B 62 19.94 16.90 -19.64
C THR B 62 18.73 17.35 -20.48
N ASP B 63 19.01 18.02 -21.60
CA ASP B 63 17.96 18.47 -22.51
C ASP B 63 17.69 17.42 -23.61
N GLU B 64 18.60 16.45 -23.75
CA GLU B 64 18.39 15.32 -24.64
C GLU B 64 17.23 14.48 -24.11
N LEU B 65 17.00 14.63 -22.81
CA LEU B 65 16.04 13.80 -22.13
C LEU B 65 14.65 14.41 -22.13
N HIS B 66 14.50 15.58 -22.74
CA HIS B 66 13.17 16.13 -22.96
C HIS B 66 12.63 15.59 -24.28
N LEU B 67 12.01 14.42 -24.20
CA LEU B 67 11.52 13.78 -25.40
C LEU B 67 10.40 14.62 -26.03
N GLU B 68 10.56 14.93 -27.31
CA GLU B 68 9.55 15.64 -28.10
C GLU B 68 8.38 14.71 -28.42
N ASN B 69 8.65 13.41 -28.44
CA ASN B 69 7.69 12.41 -28.89
C ASN B 69 7.86 11.05 -28.23
N GLY B 70 6.76 10.29 -28.23
CA GLY B 70 6.73 8.92 -27.80
C GLY B 70 6.46 8.01 -29.00
N GLU B 71 6.77 6.74 -28.80
CA GLU B 71 6.11 5.65 -29.53
C GLU B 71 4.58 5.72 -29.34
N ALA B 72 3.85 5.75 -30.45
CA ALA B 72 2.40 6.06 -30.45
C ALA B 72 1.56 5.26 -29.45
N LEU B 73 2.00 4.05 -29.12
CA LEU B 73 1.20 3.07 -28.34
C LEU B 73 0.76 3.55 -26.92
N GLU B 74 -0.12 2.77 -26.29
CA GLU B 74 -0.66 3.13 -24.98
C GLU B 74 0.26 2.60 -23.90
N ILE B 75 -0.02 3.02 -22.67
CA ILE B 75 0.80 2.62 -21.54
C ILE B 75 1.08 1.10 -21.53
N SER B 76 0.05 0.32 -21.75
CA SER B 76 0.12 -1.12 -21.68
C SER B 76 1.08 -1.72 -22.72
N GLN B 77 1.00 -1.25 -23.97
CA GLN B 77 1.96 -1.72 -24.98
C GLN B 77 3.38 -1.26 -24.64
N LEU B 78 3.55 -0.01 -24.19
CA LEU B 78 4.87 0.50 -23.80
C LEU B 78 5.61 -0.18 -22.65
N LEU B 79 4.91 -0.90 -21.78
CA LEU B 79 5.58 -1.57 -20.66
C LEU B 79 5.64 -3.09 -20.83
N LYS B 80 4.79 -3.66 -21.66
CA LYS B 80 4.77 -5.13 -21.75
C LYS B 80 5.74 -5.66 -22.81
N GLU B 81 6.27 -4.78 -23.66
CA GLU B 81 7.31 -5.24 -24.60
C GLU B 81 8.46 -4.26 -24.76
N SER B 82 9.66 -4.82 -24.70
CA SER B 82 10.88 -4.08 -24.92
C SER B 82 11.11 -3.88 -26.42
N SER B 83 12.07 -3.02 -26.75
CA SER B 83 12.40 -2.76 -28.14
C SER B 83 12.69 -4.08 -28.84
N SER B 84 13.38 -4.98 -28.13
CA SER B 84 13.77 -6.30 -28.65
C SER B 84 12.63 -7.30 -28.79
N GLY B 85 11.44 -6.99 -28.29
CA GLY B 85 10.29 -7.84 -28.53
C GLY B 85 9.88 -8.74 -27.37
N GLN B 86 10.85 -9.26 -26.60
CA GLN B 86 10.50 -10.00 -25.37
C GLN B 86 10.09 -9.04 -24.25
N PRO B 87 9.47 -9.58 -23.19
CA PRO B 87 9.17 -8.73 -22.02
C PRO B 87 10.42 -8.21 -21.34
N TYR B 88 10.28 -7.11 -20.63
CA TYR B 88 11.39 -6.59 -19.83
C TYR B 88 11.83 -7.52 -18.70
N ASP B 89 13.15 -7.65 -18.59
CA ASP B 89 13.79 -8.16 -17.39
C ASP B 89 13.53 -7.25 -16.15
N ALA B 90 13.49 -5.94 -16.33
CA ALA B 90 13.42 -4.99 -15.21
C ALA B 90 13.06 -3.57 -15.68
N VAL B 91 12.08 -2.95 -15.04
CA VAL B 91 11.71 -1.56 -15.25
C VAL B 91 12.14 -0.76 -14.03
N PHE B 92 12.79 0.38 -14.28
CA PHE B 92 13.41 1.19 -13.23
C PHE B 92 12.68 2.53 -13.16
N PRO B 93 11.83 2.71 -12.12
CA PRO B 93 11.07 3.91 -11.93
C PRO B 93 11.94 4.92 -11.24
N LEU B 94 12.25 6.05 -11.88
CA LEU B 94 13.10 7.08 -11.29
C LEU B 94 12.26 8.31 -10.96
N LEU B 95 10.98 8.06 -10.75
CA LEU B 95 9.96 9.10 -10.73
C LEU B 95 8.96 8.73 -9.65
N HIS B 96 8.89 9.56 -8.61
CA HIS B 96 7.93 9.43 -7.45
C HIS B 96 6.66 8.55 -7.65
N GLY B 97 5.81 8.97 -8.58
CA GLY B 97 4.51 8.35 -8.79
C GLY B 97 3.44 9.32 -8.34
N PRO B 98 3.15 10.35 -9.18
CA PRO B 98 2.09 11.33 -8.90
C PRO B 98 0.64 10.81 -9.08
N ASN B 99 -0.33 11.71 -8.81
CA ASN B 99 -1.75 11.37 -8.53
C ASN B 99 -1.89 10.38 -7.36
N GLY B 100 -2.24 10.89 -6.17
CA GLY B 100 -2.16 10.12 -4.92
C GLY B 100 -0.86 9.35 -4.66
N GLU B 101 0.27 9.92 -5.11
CA GLU B 101 1.66 9.59 -4.65
C GLU B 101 2.11 8.09 -4.52
N ASP B 102 3.22 7.83 -3.82
CA ASP B 102 4.01 6.61 -4.07
C ASP B 102 3.30 5.28 -3.77
N GLY B 103 3.73 4.23 -4.48
CA GLY B 103 3.02 2.95 -4.42
C GLY B 103 2.08 2.77 -5.59
N THR B 104 1.70 3.85 -6.24
CA THR B 104 0.73 3.80 -7.30
C THR B 104 1.29 3.25 -8.62
N ILE B 105 2.43 3.76 -9.02
CA ILE B 105 3.02 3.31 -10.26
C ILE B 105 3.47 1.84 -10.12
N GLN B 106 3.85 1.45 -8.93
CA GLN B 106 4.11 0.05 -8.60
C GLN B 106 2.87 -0.80 -8.85
N GLY B 107 1.76 -0.37 -8.26
CA GLY B 107 0.47 -0.96 -8.58
C GLY B 107 0.28 -1.23 -10.05
N LEU B 108 0.52 -0.20 -10.86
CA LEU B 108 0.47 -0.30 -12.33
C LEU B 108 1.31 -1.48 -12.89
N PHE B 109 2.56 -1.54 -12.44
CA PHE B 109 3.48 -2.61 -12.80
C PHE B 109 3.06 -4.01 -12.36
N GLU B 110 2.50 -4.11 -11.17
CA GLU B 110 1.95 -5.35 -10.76
C GLU B 110 0.85 -5.84 -11.69
N VAL B 111 -0.03 -4.94 -12.14
CA VAL B 111 -1.21 -5.29 -12.93
C VAL B 111 -0.77 -5.74 -14.33
N LEU B 112 0.18 -5.03 -14.94
CA LEU B 112 0.79 -5.47 -16.20
C LEU B 112 1.78 -6.63 -16.01
N ASP B 113 2.03 -7.04 -14.76
CA ASP B 113 2.92 -8.18 -14.48
C ASP B 113 4.32 -7.89 -15.03
N VAL B 114 4.75 -6.64 -14.88
CA VAL B 114 6.07 -6.21 -15.21
C VAL B 114 7.02 -6.19 -13.99
N PRO B 115 8.24 -6.74 -14.15
CA PRO B 115 9.23 -6.79 -13.01
C PRO B 115 9.88 -5.43 -12.83
N TYR B 116 9.98 -4.93 -11.62
CA TYR B 116 10.45 -3.57 -11.45
C TYR B 116 11.39 -3.42 -10.28
N VAL B 117 12.14 -2.32 -10.26
CA VAL B 117 13.20 -2.13 -9.28
C VAL B 117 12.57 -1.47 -8.10
N GLY B 118 12.94 -1.85 -6.89
CA GLY B 118 12.64 -1.01 -5.75
C GLY B 118 11.47 -1.53 -4.99
N ASN B 119 10.94 -0.74 -4.08
CA ASN B 119 9.87 -1.21 -3.22
C ASN B 119 8.51 -1.53 -3.88
N GLY B 120 7.73 -2.35 -3.19
CA GLY B 120 6.42 -2.79 -3.62
C GLY B 120 5.36 -1.80 -3.22
N VAL B 121 4.14 -2.15 -3.56
CA VAL B 121 3.02 -1.33 -3.24
C VAL B 121 3.00 -1.02 -1.73
N LEU B 122 2.88 -2.06 -0.90
CA LEU B 122 2.63 -1.81 0.52
C LEU B 122 3.78 -1.01 1.11
N SER B 123 5.02 -1.40 0.79
CA SER B 123 6.15 -0.69 1.35
C SER B 123 6.27 0.72 0.81
N ALA B 124 6.09 0.95 -0.49
CA ALA B 124 6.18 2.36 -0.96
C ALA B 124 5.07 3.22 -0.34
N ALA B 125 3.85 2.72 -0.21
CA ALA B 125 2.72 3.45 0.44
C ALA B 125 2.89 3.78 1.92
N SER B 126 3.39 2.80 2.67
CA SER B 126 3.62 2.94 4.13
C SER B 126 4.67 3.96 4.48
N SER B 127 5.72 4.03 3.67
CA SER B 127 6.81 4.94 3.97
C SER B 127 6.46 6.35 3.57
N MET B 128 5.32 6.53 2.93
CA MET B 128 4.79 7.86 2.62
C MET B 128 3.74 8.28 3.58
N ASP B 129 3.20 7.38 4.38
CA ASP B 129 2.30 7.74 5.44
C ASP B 129 3.10 7.77 6.72
N LYS B 130 3.46 8.96 7.14
CA LYS B 130 4.32 9.10 8.30
C LYS B 130 3.67 8.51 9.51
N LEU B 131 2.35 8.53 9.61
CA LEU B 131 1.77 7.91 10.79
C LEU B 131 1.87 6.39 10.77
N VAL B 132 1.63 5.77 9.63
CA VAL B 132 1.71 4.29 9.57
C VAL B 132 3.17 3.84 9.74
N MET B 133 4.05 4.51 9.04
CA MET B 133 5.46 4.25 9.18
C MET B 133 5.83 4.22 10.68
N LYS B 134 5.46 5.27 11.38
CA LYS B 134 5.79 5.41 12.78
C LYS B 134 5.21 4.25 13.65
N GLN B 135 4.02 3.79 13.30
CA GLN B 135 3.43 2.64 13.99
C GLN B 135 4.15 1.33 13.74
N LEU B 136 4.65 1.13 12.53
CA LEU B 136 5.49 -0.01 12.27
C LEU B 136 6.86 0.09 12.92
N PHE B 137 7.45 1.28 12.96
CA PHE B 137 8.74 1.38 13.64
C PHE B 137 8.55 1.08 15.15
N GLU B 138 7.41 1.47 15.70
CA GLU B 138 7.19 1.32 17.13
C GLU B 138 7.00 -0.14 17.50
N HIS B 139 6.15 -0.83 16.79
CA HIS B 139 5.96 -2.21 17.08
C HIS B 139 7.28 -2.94 16.98
N ARG B 140 8.14 -2.52 16.05
CA ARG B 140 9.40 -3.24 15.86
C ARG B 140 10.49 -2.96 16.93
N GLY B 141 10.30 -1.94 17.76
CA GLY B 141 11.20 -1.69 18.88
C GLY B 141 12.19 -0.55 18.66
N LEU B 142 11.96 0.25 17.61
CA LEU B 142 12.92 1.28 17.28
C LEU B 142 12.63 2.55 18.05
N PRO B 143 13.68 3.29 18.42
CA PRO B 143 13.42 4.54 19.13
C PRO B 143 12.84 5.64 18.28
N GLN B 144 11.82 6.33 18.81
CA GLN B 144 11.25 7.51 18.17
C GLN B 144 11.06 8.63 19.15
N LEU B 145 11.20 9.83 18.65
CA LEU B 145 10.84 11.03 19.34
C LEU B 145 9.36 10.98 19.76
N PRO B 146 9.03 11.52 20.96
CA PRO B 146 7.62 11.67 21.27
C PRO B 146 6.85 12.33 20.14
N TYR B 147 5.62 11.88 19.96
CA TYR B 147 4.81 12.35 18.88
C TYR B 147 3.37 12.04 19.22
N ILE B 148 2.47 12.81 18.61
CA ILE B 148 1.02 12.64 18.67
C ILE B 148 0.49 12.72 17.23
N SER B 149 -0.39 11.79 16.86
CA SER B 149 -1.07 11.84 15.54
C SER B 149 -2.57 12.05 15.66
N PHE B 150 -3.20 12.69 14.65
CA PHE B 150 -4.67 12.69 14.55
C PHE B 150 -5.25 13.09 13.19
N LEU B 151 -6.46 12.61 12.94
CA LEU B 151 -7.24 13.00 11.77
C LEU B 151 -7.95 14.32 11.96
N ARG B 152 -8.20 14.98 10.84
CA ARG B 152 -8.96 16.25 10.80
C ARG B 152 -10.27 16.18 11.59
N SER B 153 -10.99 15.07 11.48
CA SER B 153 -12.27 14.94 12.13
C SER B 153 -12.11 14.82 13.64
N GLU B 154 -11.02 14.20 14.07
CA GLU B 154 -10.70 14.14 15.48
C GLU B 154 -10.33 15.57 15.94
N TYR B 155 -9.67 16.33 15.07
CA TYR B 155 -9.32 17.69 15.42
C TYR B 155 -10.52 18.63 15.52
N GLU B 156 -11.48 18.47 14.61
CA GLU B 156 -12.71 19.30 14.70
C GLU B 156 -13.58 18.89 15.91
N LYS B 157 -13.57 17.62 16.30
CA LYS B 157 -14.30 17.20 17.51
C LYS B 157 -13.64 17.58 18.84
N TYR B 158 -12.30 17.51 18.89
CA TYR B 158 -11.57 17.47 20.17
C TYR B 158 -10.36 18.36 20.26
N GLU B 159 -10.36 19.46 19.51
CA GLU B 159 -9.23 20.36 19.48
C GLU B 159 -8.62 20.51 20.88
N HIS B 160 -9.41 21.00 21.83
CA HIS B 160 -8.96 21.29 23.19
C HIS B 160 -8.09 20.18 23.74
N ASN B 161 -8.61 18.96 23.65
CA ASN B 161 -8.06 17.82 24.40
C ASN B 161 -6.73 17.39 23.82
N ILE B 162 -6.61 17.55 22.52
CA ILE B 162 -5.38 17.30 21.82
C ILE B 162 -4.38 18.40 22.15
N LEU B 163 -4.82 19.65 22.20
CA LEU B 163 -3.88 20.70 22.50
C LEU B 163 -3.35 20.45 23.90
N LYS B 164 -4.25 20.09 24.82
CA LYS B 164 -3.86 19.68 26.16
C LYS B 164 -2.75 18.63 26.08
N LEU B 165 -3.01 17.52 25.38
CA LEU B 165 -2.05 16.41 25.22
C LEU B 165 -0.69 16.87 24.70
N VAL B 166 -0.71 17.69 23.67
CA VAL B 166 0.52 18.21 23.13
C VAL B 166 1.41 18.80 24.28
N ASN B 167 0.81 19.56 25.20
CA ASN B 167 1.61 20.12 26.28
C ASN B 167 1.96 19.08 27.33
N ASP B 168 1.03 18.17 27.56
CA ASP B 168 1.24 17.10 28.53
C ASP B 168 2.31 16.11 28.08
N LYS B 169 2.50 15.96 26.77
CA LYS B 169 3.43 14.95 26.29
C LYS B 169 4.64 15.54 25.59
N LEU B 170 4.45 16.55 24.79
CA LEU B 170 5.54 17.07 24.00
C LEU B 170 6.21 18.23 24.73
N ASN B 171 7.36 18.65 24.24
CA ASN B 171 8.03 19.89 24.65
C ASN B 171 8.15 20.80 23.45
N TYR B 172 7.73 22.05 23.55
CA TYR B 172 7.95 22.94 22.41
C TYR B 172 9.46 23.08 22.27
N PRO B 173 9.96 23.37 21.07
CA PRO B 173 9.22 23.52 19.84
C PRO B 173 8.87 22.15 19.27
N VAL B 174 7.71 22.08 18.65
CA VAL B 174 7.25 20.87 18.06
C VAL B 174 7.30 21.06 16.55
N PHE B 175 7.29 19.96 15.81
CA PHE B 175 7.09 20.04 14.39
C PHE B 175 5.70 19.56 13.99
N VAL B 176 4.98 20.33 13.18
CA VAL B 176 3.73 19.86 12.58
C VAL B 176 3.95 19.38 11.17
N LYS B 177 3.62 18.10 10.92
CA LYS B 177 3.89 17.42 9.64
C LYS B 177 2.61 16.83 9.02
N PRO B 178 2.31 17.14 7.76
CA PRO B 178 1.22 16.34 7.20
C PRO B 178 1.64 14.88 7.09
N ALA B 179 0.69 13.97 7.20
CA ALA B 179 1.00 12.54 7.17
C ALA B 179 1.36 12.05 5.74
N ASN B 180 0.68 12.56 4.72
CA ASN B 180 0.75 11.97 3.40
C ASN B 180 1.43 12.78 2.31
N LEU B 181 1.86 14.00 2.60
CA LEU B 181 2.60 14.70 1.57
C LEU B 181 4.06 14.24 1.69
N GLY B 182 4.81 14.36 0.60
CA GLY B 182 6.20 13.91 0.60
C GLY B 182 7.07 14.94 1.27
N SER B 183 8.36 15.01 0.85
CA SER B 183 9.34 16.02 1.33
C SER B 183 8.93 17.45 0.93
N SER B 184 7.84 17.93 1.55
CA SER B 184 7.00 19.03 1.04
C SER B 184 6.61 20.04 2.13
N VAL B 185 5.79 21.02 1.78
CA VAL B 185 5.45 22.09 2.70
C VAL B 185 4.27 21.57 3.52
N GLY B 186 3.54 22.50 4.12
CA GLY B 186 2.62 22.18 5.20
C GLY B 186 3.34 21.86 6.50
N ILE B 187 4.66 21.60 6.45
CA ILE B 187 5.50 21.39 7.65
C ILE B 187 5.80 22.71 8.38
N SER B 188 6.16 22.61 9.66
CA SER B 188 6.53 23.81 10.43
C SER B 188 7.07 23.48 11.82
N LYS B 189 8.05 24.27 12.29
CA LYS B 189 8.30 24.28 13.74
C LYS B 189 7.35 25.28 14.33
N CYS B 190 6.90 24.98 15.53
CA CYS B 190 5.96 25.78 16.27
C CYS B 190 6.51 25.90 17.68
N ASN B 191 6.85 27.13 18.10
CA ASN B 191 7.46 27.38 19.42
C ASN B 191 6.47 27.53 20.58
N ASN B 192 5.17 27.66 20.25
CA ASN B 192 4.08 27.93 21.22
C ASN B 192 2.69 27.54 20.69
N GLU B 193 1.68 27.50 21.56
CA GLU B 193 0.36 27.06 21.17
C GLU B 193 -0.34 27.87 20.07
N ALA B 194 -0.02 29.14 19.97
CA ALA B 194 -0.57 29.96 18.90
C ALA B 194 0.05 29.57 17.58
N GLU B 195 1.34 29.24 17.57
CA GLU B 195 2.02 28.86 16.33
C GLU B 195 1.66 27.44 15.90
N LEU B 196 1.44 26.58 16.89
CA LEU B 196 0.93 25.23 16.68
C LEU B 196 -0.47 25.32 16.06
N LYS B 197 -1.31 26.17 16.64
CA LYS B 197 -2.69 26.32 16.14
C LYS B 197 -2.68 26.69 14.68
N GLU B 198 -1.82 27.61 14.28
CA GLU B 198 -1.75 28.00 12.88
C GLU B 198 -1.26 26.84 12.02
N GLY B 199 -0.25 26.13 12.49
CA GLY B 199 0.29 24.98 11.76
C GLY B 199 -0.70 23.86 11.47
N ILE B 200 -1.45 23.43 12.49
CA ILE B 200 -2.61 22.56 12.30
C ILE B 200 -3.38 23.08 11.10
N LYS B 201 -3.76 24.36 11.16
CA LYS B 201 -4.57 24.99 10.13
C LYS B 201 -3.90 24.94 8.77
N GLU B 202 -2.63 25.34 8.68
CA GLU B 202 -1.95 25.33 7.37
C GLU B 202 -1.89 23.92 6.81
N ALA B 203 -1.59 22.95 7.65
CA ALA B 203 -1.43 21.60 7.17
C ALA B 203 -2.76 20.98 6.77
N PHE B 204 -3.81 21.28 7.52
CA PHE B 204 -5.08 20.66 7.20
C PHE B 204 -5.63 21.08 5.88
N GLN B 205 -5.03 22.08 5.25
CA GLN B 205 -5.46 22.55 3.94
C GLN B 205 -4.96 21.63 2.83
N PHE B 206 -3.88 20.90 3.14
CA PHE B 206 -3.25 19.98 2.20
C PHE B 206 -3.49 18.51 2.51
N ASP B 207 -4.08 18.24 3.67
CA ASP B 207 -4.13 16.90 4.19
C ASP B 207 -5.13 16.77 5.30
N ARG B 208 -5.60 15.56 5.49
CA ARG B 208 -6.65 15.25 6.42
C ARG B 208 -6.11 14.50 7.65
N LYS B 209 -4.80 14.28 7.67
CA LYS B 209 -4.15 13.54 8.76
C LYS B 209 -2.75 14.10 9.03
N LEU B 210 -2.44 14.33 10.30
CA LEU B 210 -1.20 15.04 10.73
C LEU B 210 -0.50 14.29 11.86
N VAL B 211 0.74 14.69 12.10
CA VAL B 211 1.58 14.11 13.14
C VAL B 211 2.28 15.30 13.76
N ILE B 212 2.33 15.38 15.08
CA ILE B 212 3.01 16.52 15.76
C ILE B 212 4.21 15.91 16.43
N GLU B 213 5.41 16.37 16.14
CA GLU B 213 6.52 15.73 16.83
C GLU B 213 7.47 16.66 17.56
N GLN B 214 7.98 16.16 18.68
CA GLN B 214 8.94 16.88 19.49
C GLN B 214 10.14 17.22 18.64
N GLY B 215 10.45 18.52 18.57
CA GLY B 215 11.66 19.00 17.93
C GLY B 215 12.83 18.46 18.74
N VAL B 216 13.91 18.09 18.06
CA VAL B 216 15.22 17.77 18.69
C VAL B 216 16.37 18.59 18.10
N ASN B 217 17.46 18.64 18.85
CA ASN B 217 18.75 19.07 18.27
C ASN B 217 19.63 17.84 18.02
N ALA B 218 19.95 17.55 16.78
CA ALA B 218 20.64 16.30 16.52
C ALA B 218 21.32 16.40 15.21
N ARG B 219 22.21 15.49 14.93
CA ARG B 219 22.75 15.34 13.60
C ARG B 219 21.81 14.54 12.66
N GLU B 220 21.97 14.74 11.35
CA GLU B 220 21.19 14.06 10.33
C GLU B 220 22.10 13.00 9.77
N ILE B 221 21.73 11.75 9.97
CA ILE B 221 22.59 10.64 9.75
C ILE B 221 21.76 9.61 9.00
N GLU B 222 22.28 9.13 7.88
CA GLU B 222 21.54 8.29 6.96
C GLU B 222 22.30 6.97 6.62
N VAL B 223 21.56 5.85 6.48
CA VAL B 223 22.14 4.52 6.18
C VAL B 223 21.50 3.97 4.93
N ALA B 224 22.28 3.33 4.07
CA ALA B 224 21.75 2.81 2.83
C ALA B 224 21.60 1.30 2.94
N VAL B 225 20.44 0.79 2.58
CA VAL B 225 20.17 -0.62 2.67
C VAL B 225 19.86 -1.16 1.29
N LEU B 226 20.28 -2.39 1.00
CA LEU B 226 20.13 -3.03 -0.33
C LEU B 226 19.83 -4.51 -0.23
N GLY B 227 18.80 -5.00 -0.92
CA GLY B 227 18.43 -6.43 -0.86
C GLY B 227 16.94 -6.75 -0.86
N ASN B 228 16.61 -8.04 -0.81
CA ASN B 228 15.26 -8.48 -0.69
C ASN B 228 15.17 -9.17 0.66
N ASP B 229 15.45 -10.46 0.73
CA ASP B 229 15.27 -11.21 1.92
C ASP B 229 16.45 -11.30 2.78
N TYR B 230 17.59 -10.87 2.25
CA TYR B 230 18.85 -10.98 2.95
C TYR B 230 19.61 -9.66 2.81
N PRO B 231 18.97 -8.58 3.19
CA PRO B 231 19.48 -7.25 2.97
C PRO B 231 20.82 -6.98 3.66
N GLU B 232 21.63 -6.08 3.09
CA GLU B 232 22.80 -5.51 3.79
C GLU B 232 22.65 -3.99 3.92
N ALA B 233 23.29 -3.42 4.95
CA ALA B 233 23.29 -2.00 5.27
C ALA B 233 24.70 -1.41 5.11
N THR B 234 24.82 -0.15 4.75
CA THR B 234 26.12 0.51 4.72
C THR B 234 26.47 1.06 6.09
N TRP B 235 27.72 1.53 6.21
CA TRP B 235 28.09 2.50 7.22
C TRP B 235 27.30 3.76 7.00
N PRO B 236 27.03 4.53 8.09
CA PRO B 236 26.31 5.78 7.96
C PRO B 236 27.12 6.87 7.30
N GLY B 237 26.42 7.82 6.69
CA GLY B 237 26.98 9.11 6.40
C GLY B 237 26.15 10.23 7.03
N GLU B 238 26.72 11.42 7.09
CA GLU B 238 26.05 12.59 7.63
C GLU B 238 25.78 13.61 6.54
N VAL B 239 24.59 14.21 6.57
CA VAL B 239 24.25 15.35 5.74
C VAL B 239 24.73 16.52 6.53
N VAL B 240 25.74 17.20 5.99
CA VAL B 240 26.47 18.23 6.75
C VAL B 240 25.92 19.63 6.48
N LYS B 241 25.45 20.26 7.55
CA LYS B 241 24.85 21.59 7.51
C LYS B 241 25.08 22.33 8.82
N ASP B 242 25.43 23.62 8.74
CA ASP B 242 25.53 24.46 9.93
C ASP B 242 24.14 24.87 10.47
N VAL B 243 23.12 24.82 9.61
CA VAL B 243 21.75 25.19 9.97
C VAL B 243 20.76 24.27 9.22
N ALA B 244 19.92 23.51 9.92
CA ALA B 244 18.76 22.84 9.27
C ALA B 244 17.56 23.79 9.34
N PHE B 245 16.71 23.81 8.32
CA PHE B 245 15.63 24.81 8.24
C PHE B 245 14.42 24.44 7.35
N VAL B 257 24.04 18.25 -2.40
CA VAL B 257 24.57 19.14 -1.36
C VAL B 257 25.65 18.34 -0.61
N GLN B 258 25.78 18.58 0.70
CA GLN B 258 27.03 18.29 1.40
C GLN B 258 27.01 17.07 2.32
N LEU B 259 27.87 16.11 1.97
CA LEU B 259 27.92 14.78 2.59
C LEU B 259 29.26 14.50 3.23
N GLN B 260 29.23 13.88 4.41
CA GLN B 260 30.42 13.38 5.11
C GLN B 260 30.25 11.85 5.25
N ILE B 261 30.96 11.12 4.39
CA ILE B 261 30.94 9.67 4.39
C ILE B 261 32.36 9.16 4.65
N PRO B 262 32.54 8.32 5.67
CA PRO B 262 31.61 7.86 6.69
C PRO B 262 31.40 8.99 7.67
N ALA B 263 30.35 8.90 8.47
CA ALA B 263 29.98 9.96 9.40
C ALA B 263 30.92 9.85 10.58
N ASP B 264 31.36 11.00 11.08
CA ASP B 264 32.18 11.09 12.29
C ASP B 264 31.38 10.67 13.54
N LEU B 265 31.23 9.37 13.73
CA LEU B 265 30.53 8.81 14.88
C LEU B 265 31.36 7.70 15.43
N ASP B 266 31.23 7.42 16.71
CA ASP B 266 32.04 6.35 17.28
C ASP B 266 31.51 4.97 16.90
N GLU B 267 32.36 3.97 17.00
CA GLU B 267 32.14 2.71 16.31
C GLU B 267 30.87 1.97 16.73
N ASP B 268 30.56 1.88 18.01
CA ASP B 268 29.37 1.12 18.42
C ASP B 268 28.10 1.82 17.95
N VAL B 269 28.15 3.14 17.96
CA VAL B 269 27.06 3.91 17.46
C VAL B 269 26.82 3.50 16.01
N GLN B 270 27.87 3.49 15.21
CA GLN B 270 27.75 3.17 13.79
C GLN B 270 27.28 1.74 13.59
N LEU B 271 27.79 0.83 14.42
CA LEU B 271 27.21 -0.52 14.52
C LEU B 271 25.68 -0.57 14.88
N THR B 272 25.24 0.21 15.87
CA THR B 272 23.83 0.28 16.28
C THR B 272 22.95 0.75 15.10
N LEU B 273 23.34 1.83 14.43
CA LEU B 273 22.59 2.35 13.29
C LEU B 273 22.53 1.39 12.08
N ARG B 274 23.58 0.61 11.87
CA ARG B 274 23.55 -0.34 10.74
C ARG B 274 22.45 -1.35 10.98
N ASN B 275 22.36 -1.84 12.20
CA ASN B 275 21.38 -2.84 12.55
C ASN B 275 20.02 -2.20 12.65
N MET B 276 19.94 -0.99 13.21
CA MET B 276 18.68 -0.30 13.17
C MET B 276 18.22 -0.13 11.70
N ALA B 277 19.11 0.14 10.74
CA ALA B 277 18.63 0.30 9.38
C ALA B 277 17.96 -0.99 8.91
N LEU B 278 18.61 -2.12 9.15
CA LEU B 278 18.11 -3.47 8.79
C LEU B 278 16.72 -3.72 9.41
N GLU B 279 16.50 -3.39 10.70
CA GLU B 279 15.18 -3.49 11.30
C GLU B 279 14.11 -2.55 10.63
N ALA B 280 14.53 -1.36 10.21
CA ALA B 280 13.61 -0.43 9.59
C ALA B 280 13.15 -0.94 8.25
N PHE B 281 14.07 -1.42 7.46
CA PHE B 281 13.76 -2.11 6.22
C PHE B 281 12.71 -3.25 6.40
N LYS B 282 12.79 -4.00 7.49
CA LYS B 282 11.83 -5.10 7.75
C LYS B 282 10.47 -4.66 8.37
N ALA B 283 10.45 -3.60 9.15
CA ALA B 283 9.21 -3.10 9.72
C ALA B 283 8.24 -2.70 8.65
N THR B 284 8.77 -2.22 7.55
CA THR B 284 7.95 -1.73 6.48
C THR B 284 8.00 -2.70 5.30
N ASP B 285 8.76 -3.80 5.43
CA ASP B 285 8.80 -4.86 4.46
C ASP B 285 9.22 -4.37 3.07
N CYS B 286 10.38 -3.72 3.05
CA CYS B 286 10.89 -3.08 1.91
C CYS B 286 11.35 -4.15 0.97
N SER B 287 11.56 -3.83 -0.31
CA SER B 287 12.33 -4.67 -1.22
C SER B 287 13.23 -3.75 -1.96
N GLY B 288 14.35 -4.29 -2.43
CA GLY B 288 15.34 -3.57 -3.25
C GLY B 288 16.29 -2.65 -2.48
N LEU B 289 15.76 -1.58 -1.92
CA LEU B 289 16.55 -0.60 -1.24
C LEU B 289 15.68 0.13 -0.27
N VAL B 290 16.31 0.70 0.74
CA VAL B 290 15.72 1.81 1.50
C VAL B 290 16.84 2.64 2.05
N ARG B 291 16.56 3.91 2.28
CA ARG B 291 17.50 4.76 2.99
C ARG B 291 16.84 5.12 4.30
N ALA B 292 17.45 4.70 5.39
CA ALA B 292 16.91 4.93 6.73
C ALA B 292 17.46 6.25 7.26
N ASP B 293 16.59 7.17 7.69
CA ASP B 293 17.13 8.48 8.23
C ASP B 293 16.99 8.65 9.73
N PHE B 294 18.09 9.01 10.38
CA PHE B 294 18.17 9.07 11.81
C PHE B 294 18.58 10.43 12.32
N PHE B 295 18.24 10.63 13.60
CA PHE B 295 18.62 11.80 14.35
C PHE B 295 19.53 11.26 15.40
N VAL B 296 20.71 11.84 15.53
CA VAL B 296 21.62 11.54 16.63
C VAL B 296 22.06 12.82 17.39
N THR B 297 21.76 12.85 18.69
CA THR B 297 22.11 13.99 19.53
C THR B 297 23.62 13.99 19.74
N GLU B 298 24.15 15.11 20.22
CA GLU B 298 25.53 15.16 20.72
C GLU B 298 25.78 14.08 21.82
N ASP B 299 24.77 13.80 22.65
CA ASP B 299 24.85 12.73 23.68
C ASP B 299 24.80 11.29 23.10
N ASN B 300 24.87 11.18 21.75
CA ASN B 300 24.72 9.91 21.02
C ASN B 300 23.37 9.20 21.35
N GLN B 301 22.28 9.96 21.27
CA GLN B 301 20.95 9.42 21.46
C GLN B 301 20.35 9.27 20.06
N ILE B 302 19.76 8.12 19.78
CA ILE B 302 19.38 7.77 18.41
C ILE B 302 17.86 7.70 18.25
N TYR B 303 17.34 8.36 17.23
CA TYR B 303 15.91 8.19 16.86
C TYR B 303 15.84 8.06 15.39
N ILE B 304 14.91 7.26 14.93
CA ILE B 304 14.74 7.06 13.52
C ILE B 304 13.73 8.06 13.14
N ASN B 305 13.99 8.77 12.05
CA ASN B 305 13.06 9.77 11.58
C ASN B 305 12.16 9.17 10.55
N GLU B 306 12.74 8.52 9.57
CA GLU B 306 11.94 8.05 8.45
C GLU B 306 12.72 7.05 7.63
N THR B 307 12.02 6.24 6.88
CA THR B 307 12.67 5.55 5.82
C THR B 307 12.20 6.16 4.50
N ASN B 308 13.04 6.09 3.48
CA ASN B 308 12.73 6.64 2.15
C ASN B 308 12.81 5.54 1.10
N ALA B 309 11.67 5.09 0.59
CA ALA B 309 11.56 4.07 -0.48
C ALA B 309 12.22 4.40 -1.82
N MET B 310 12.30 5.68 -2.20
CA MET B 310 12.91 6.07 -3.49
C MET B 310 13.81 7.29 -3.23
N PRO B 311 14.94 7.05 -2.61
CA PRO B 311 15.84 8.13 -2.27
C PRO B 311 16.48 8.72 -3.50
N GLY B 312 17.11 9.89 -3.36
CA GLY B 312 17.84 10.51 -4.46
C GLY B 312 18.85 9.53 -4.96
N PHE B 313 19.06 9.51 -6.26
CA PHE B 313 19.82 8.43 -6.88
C PHE B 313 20.74 8.93 -8.00
N THR B 314 21.02 10.21 -7.90
CA THR B 314 22.06 10.90 -8.61
C THR B 314 23.40 10.21 -8.35
N ALA B 315 24.39 10.47 -9.18
CA ALA B 315 25.77 10.01 -8.89
C ALA B 315 26.33 10.67 -7.61
N PHE B 316 25.90 11.89 -7.31
CA PHE B 316 26.29 12.58 -6.09
C PHE B 316 25.41 12.30 -4.85
N SER B 317 24.33 11.51 -4.96
CA SER B 317 23.36 11.45 -3.87
C SER B 317 23.88 10.60 -2.73
N MET B 318 23.30 10.77 -1.56
CA MET B 318 23.72 10.01 -0.39
C MET B 318 23.71 8.48 -0.62
N TYR B 319 22.61 7.94 -1.17
CA TYR B 319 22.42 6.51 -1.25
C TYR B 319 23.50 5.90 -2.08
N PRO B 320 23.66 6.34 -3.34
CA PRO B 320 24.73 5.78 -4.14
C PRO B 320 26.06 5.94 -3.48
N LYS B 321 26.37 7.11 -2.93
CA LYS B 321 27.70 7.37 -2.31
C LYS B 321 28.07 6.45 -1.14
N LEU B 322 27.16 6.23 -0.22
CA LEU B 322 27.35 5.24 0.83
C LEU B 322 27.63 3.83 0.30
N TRP B 323 27.08 3.44 -0.85
CA TRP B 323 27.52 2.14 -1.43
C TRP B 323 28.92 2.23 -2.00
N GLU B 324 29.24 3.33 -2.65
CA GLU B 324 30.60 3.52 -3.13
C GLU B 324 31.62 3.26 -1.97
N ASN B 325 31.36 3.84 -0.81
CA ASN B 325 32.22 3.67 0.34
C ASN B 325 32.43 2.18 0.67
N MET B 326 31.43 1.32 0.46
CA MET B 326 31.62 -0.13 0.73
C MET B 326 32.22 -0.89 -0.44
N GLY B 327 32.71 -0.18 -1.46
CA GLY B 327 33.35 -0.82 -2.62
C GLY B 327 32.43 -1.19 -3.77
N LEU B 328 31.17 -0.76 -3.70
CA LEU B 328 30.15 -1.01 -4.74
C LEU B 328 29.91 0.29 -5.47
N SER B 329 30.34 0.32 -6.72
CA SER B 329 30.35 1.49 -7.53
C SER B 329 28.96 1.73 -8.09
N TYR B 330 28.75 2.88 -8.72
CA TYR B 330 27.46 3.26 -9.22
C TYR B 330 26.99 2.29 -10.32
N PRO B 331 27.88 1.92 -11.26
CA PRO B 331 27.36 0.94 -12.23
C PRO B 331 27.01 -0.40 -11.60
N GLU B 332 27.76 -0.85 -10.61
CA GLU B 332 27.46 -2.17 -9.98
C GLU B 332 26.18 -2.12 -9.17
N LEU B 333 26.07 -1.08 -8.34
CA LEU B 333 24.83 -0.77 -7.64
C LEU B 333 23.57 -0.92 -8.54
N ILE B 334 23.62 -0.33 -9.75
CA ILE B 334 22.51 -0.39 -10.71
C ILE B 334 22.29 -1.79 -11.19
N THR B 335 23.38 -2.47 -11.48
CA THR B 335 23.24 -3.82 -11.92
C THR B 335 22.66 -4.62 -10.77
N LYS B 336 23.02 -4.29 -9.55
CA LYS B 336 22.50 -5.09 -8.47
C LYS B 336 20.99 -4.83 -8.21
N LEU B 337 20.51 -3.60 -8.34
CA LEU B 337 19.07 -3.35 -8.17
C LEU B 337 18.22 -4.07 -9.20
N ILE B 338 18.70 -4.13 -10.43
CA ILE B 338 18.10 -4.94 -11.49
C ILE B 338 18.03 -6.42 -11.22
N GLU B 339 19.12 -7.02 -10.79
CA GLU B 339 19.07 -8.45 -10.41
C GLU B 339 18.08 -8.65 -9.26
N LEU B 340 18.12 -7.82 -8.24
CA LEU B 340 17.16 -7.94 -7.16
C LEU B 340 15.75 -7.86 -7.71
N ALA B 341 15.49 -6.99 -8.68
CA ALA B 341 14.15 -6.87 -9.18
C ALA B 341 13.81 -8.16 -9.92
N LYS B 342 14.80 -8.83 -10.53
CA LYS B 342 14.53 -10.10 -11.21
C LYS B 342 14.21 -11.16 -10.21
N GLU B 343 15.07 -11.35 -9.24
CA GLU B 343 14.80 -12.39 -8.26
C GLU B 343 13.39 -12.22 -7.66
N ARG B 344 13.01 -11.00 -7.36
CA ARG B 344 11.78 -10.78 -6.63
C ARG B 344 10.57 -11.12 -7.52
N HIS B 345 10.65 -10.78 -8.79
CA HIS B 345 9.62 -11.18 -9.73
C HIS B 345 9.51 -12.71 -9.91
N GLN B 346 10.66 -13.35 -10.12
CA GLN B 346 10.70 -14.77 -10.34
C GLN B 346 10.16 -15.46 -9.08
N ASP B 347 10.55 -14.95 -7.91
CA ASP B 347 10.11 -15.51 -6.63
C ASP B 347 8.58 -15.45 -6.55
N LYS B 348 7.99 -14.29 -6.81
CA LYS B 348 6.53 -14.16 -6.74
C LYS B 348 5.86 -15.22 -7.59
N GLN B 349 6.28 -15.24 -8.85
CA GLN B 349 5.77 -16.19 -9.85
C GLN B 349 6.02 -17.63 -9.54
N LYS B 350 7.18 -17.91 -8.96
CA LYS B 350 7.45 -19.23 -8.42
C LYS B 350 6.46 -19.59 -7.26
N ASN B 351 6.07 -18.64 -6.40
CA ASN B 351 5.01 -18.93 -5.40
C ASN B 351 3.63 -19.13 -6.06
N LYS B 352 3.35 -18.39 -7.12
CA LYS B 352 2.05 -18.45 -7.77
C LYS B 352 1.73 -19.87 -8.26
N TYR B 353 2.68 -20.44 -9.00
CA TYR B 353 2.56 -21.78 -9.53
C TYR B 353 2.41 -22.84 -8.42
N LYS B 354 3.17 -22.69 -7.32
CA LYS B 354 3.07 -23.62 -6.20
C LYS B 354 1.67 -23.59 -5.57
N ILE B 355 1.11 -22.38 -5.44
CA ILE B 355 -0.22 -22.20 -4.86
C ILE B 355 -1.27 -22.86 -5.75
N ASP B 356 -1.22 -22.53 -7.04
CA ASP B 356 -2.05 -23.17 -8.07
C ASP B 356 -1.98 -24.68 -8.05
N ARG B 357 -0.80 -25.23 -7.88
CA ARG B 357 -0.59 -26.67 -7.92
C ARG B 357 -1.47 -27.43 -6.91
N SER B 358 -1.32 -27.19 -5.60
CA SER B 358 -1.98 -28.06 -4.57
C SER B 358 -3.52 -27.97 -4.49
N HIS B 359 -4.19 -29.11 -4.75
CA HIS B 359 -5.66 -29.22 -4.74
C HIS B 359 -6.13 -30.21 -3.69
N HIS B 360 -6.29 -29.74 -2.46
CA HIS B 360 -6.92 -30.53 -1.39
C HIS B 360 -8.36 -30.87 -1.73
#